data_8VOZ
#
_entry.id   8VOZ
#
_cell.length_a   1.00
_cell.length_b   1.00
_cell.length_c   1.00
_cell.angle_alpha   90.00
_cell.angle_beta   90.00
_cell.angle_gamma   90.00
#
_symmetry.space_group_name_H-M   'P 1'
#
loop_
_entity.id
_entity.type
_entity.pdbx_description
1 polymer 'ABC-type bacteriocin transporter'
2 non-polymer "ADENOSINE-5'-DIPHOSPHATE"
3 non-polymer 'MAGNESIUM ION'
4 non-polymer '3-[oxidanyl-[2-(trimethyl-$l^{4}-azanyl)ethoxy]phosphoryl]oxypropyl hexadecanoate'
5 non-polymer '(2S)-3-(hexadecanoyloxy)-2-[(9Z)-octadec-9-enoyloxy]propyl 2-(trimethylammonio)ethyl phosphate'
#
_entity_poly.entity_id   1
_entity_poly.type   'polypeptide(L)'
_entity_poly.pdbx_seq_one_letter_code
;MGHHHHHHHHHHSSGHIDDDDKHMTQNMMVKFAGFLKPLKKTVLAIFLASLLYTALGIAGSFYIKFLFDDLIKFEKLNDL
HIISAGFAVIFLLQIFLNYYRSILVTKLGMSIDKSIMMEYYSHVLKLPMNFFNSRKVGEIISRFMDASKIRQAISGATLT
IMIDTIMAVIGGILLYIQNSSLFFISFIIILLYGIIVTVFNKPIQNANRQIMEDNAKLTSALVESVKGIETIKSFGAEEQ
TEKSTRDKIETVMKSSFKEGMLYINLSSLTGIVAGLGGIVILWAGAYNVIKGNMSGGQLLAFNALLAYFLTPVKNLIDLQ
PLIQTAVVASNRLGEILELATEKELREDSDDFVISLKGDIEFRNVDFRYGLRKPVLKNINLTIPKGKTVAIVGESGSGKT
TLAKLLMNFYSPEKGDILINGHSIKNISLELIRKKIAFVSQDVFIFSGTVKENLALGNENVDMDEIIKAAKMANAHDFIE
KLPLKYDTFLNESGANLSEGQKQRLAIARALLKKPDILILDEATSNLDSITENHIKDAIYGLEDDVTVIIIAHRLSTIVN
LDKIYLLKDGEIVESGSHTELIALKGAYFKMWKQTENTLAS
;
_entity_poly.pdbx_strand_id   A,B
#
loop_
_chem_comp.id
_chem_comp.type
_chem_comp.name
_chem_comp.formula
A1ACX non-polymer '3-[oxidanyl-[2-(trimethyl-$l^{4}-azanyl)ethoxy]phosphoryl]oxypropyl hexadecanoate' 'C24 H51 N O6 P 1'
ADP non-polymer ADENOSINE-5'-DIPHOSPHATE 'C10 H15 N5 O10 P2'
MG non-polymer 'MAGNESIUM ION' 'Mg 2'
POV non-polymer '(2S)-3-(hexadecanoyloxy)-2-[(9Z)-octadec-9-enoyloxy]propyl 2-(trimethylammonio)ethyl phosphate' 'C42 H82 N O8 P'
#
# COMPACT_ATOMS: atom_id res chain seq x y z
N GLN A 26 3.06 -27.74 1.63
CA GLN A 26 3.56 -26.66 2.47
C GLN A 26 2.61 -26.36 3.62
N ASN A 27 3.10 -25.62 4.62
CA ASN A 27 2.28 -25.28 5.78
C ASN A 27 1.10 -24.40 5.38
N MET A 28 1.33 -23.44 4.49
CA MET A 28 0.26 -22.55 4.05
C MET A 28 -0.84 -23.31 3.32
N MET A 29 -0.45 -24.33 2.55
CA MET A 29 -1.44 -25.13 1.82
C MET A 29 -2.36 -25.86 2.79
N VAL A 30 -1.83 -26.35 3.90
CA VAL A 30 -2.63 -27.07 4.88
C VAL A 30 -3.70 -26.15 5.46
N LYS A 31 -3.36 -24.90 5.72
CA LYS A 31 -4.33 -23.94 6.24
C LYS A 31 -5.46 -23.71 5.24
N PHE A 32 -5.12 -23.54 3.96
CA PHE A 32 -6.14 -23.32 2.95
C PHE A 32 -7.03 -24.54 2.79
N ALA A 33 -6.44 -25.74 2.87
CA ALA A 33 -7.24 -26.97 2.81
C ALA A 33 -8.17 -27.09 4.01
N GLY A 34 -7.67 -26.74 5.20
CA GLY A 34 -8.52 -26.74 6.39
C GLY A 34 -9.64 -25.75 6.30
N PHE A 35 -9.43 -24.63 5.59
CA PHE A 35 -10.51 -23.70 5.34
C PHE A 35 -11.64 -24.32 4.53
N LEU A 36 -11.38 -25.43 3.83
CA LEU A 36 -12.37 -26.10 3.01
C LEU A 36 -13.17 -27.16 3.77
N LYS A 37 -12.83 -27.44 5.02
CA LYS A 37 -13.53 -28.49 5.76
C LYS A 37 -15.01 -28.18 5.96
N PRO A 38 -15.42 -27.00 6.42
CA PRO A 38 -16.86 -26.73 6.53
C PRO A 38 -17.58 -26.79 5.19
N LEU A 39 -16.91 -26.41 4.09
CA LEU A 39 -17.53 -26.37 2.78
C LEU A 39 -17.20 -27.66 2.04
N LYS A 40 -17.96 -28.71 2.35
CA LYS A 40 -17.74 -30.03 1.77
C LYS A 40 -18.79 -30.42 0.74
N LYS A 41 -20.05 -30.02 0.93
CA LYS A 41 -21.07 -30.32 -0.07
C LYS A 41 -20.86 -29.50 -1.33
N THR A 42 -20.29 -28.30 -1.20
CA THR A 42 -19.97 -27.50 -2.38
C THR A 42 -18.92 -28.21 -3.25
N VAL A 43 -17.91 -28.80 -2.61
CA VAL A 43 -16.86 -29.50 -3.35
C VAL A 43 -17.44 -30.69 -4.10
N LEU A 44 -18.35 -31.44 -3.46
CA LEU A 44 -18.97 -32.58 -4.13
C LEU A 44 -19.79 -32.14 -5.34
N ALA A 45 -20.54 -31.04 -5.20
CA ALA A 45 -21.32 -30.54 -6.33
C ALA A 45 -20.40 -30.09 -7.46
N ILE A 46 -19.29 -29.42 -7.12
CA ILE A 46 -18.33 -29.01 -8.14
C ILE A 46 -17.77 -30.23 -8.85
N PHE A 47 -17.41 -31.26 -8.10
CA PHE A 47 -16.83 -32.46 -8.69
C PHE A 47 -17.81 -33.15 -9.62
N LEU A 48 -19.08 -33.29 -9.20
CA LEU A 48 -20.08 -33.93 -10.05
C LEU A 48 -20.36 -33.10 -11.30
N ALA A 49 -20.46 -31.78 -11.15
CA ALA A 49 -20.71 -30.92 -12.31
C ALA A 49 -19.55 -30.98 -13.29
N SER A 50 -18.32 -31.06 -12.78
CA SER A 50 -17.17 -31.15 -13.67
C SER A 50 -17.08 -32.52 -14.33
N LEU A 51 -17.48 -33.57 -13.62
CA LEU A 51 -17.59 -34.90 -14.25
C LEU A 51 -18.56 -34.86 -15.42
N LEU A 52 -19.74 -34.27 -15.21
CA LEU A 52 -20.72 -34.19 -16.29
C LEU A 52 -20.21 -33.30 -17.43
N TYR A 53 -19.53 -32.20 -17.09
CA TYR A 53 -18.98 -31.31 -18.11
C TYR A 53 -17.97 -32.04 -18.98
N THR A 54 -17.05 -32.78 -18.35
CA THR A 54 -16.05 -33.53 -19.10
C THR A 54 -16.70 -34.61 -19.96
N ALA A 55 -17.69 -35.32 -19.41
CA ALA A 55 -18.36 -36.36 -20.20
C ALA A 55 -19.07 -35.77 -21.41
N LEU A 56 -19.77 -34.65 -21.22
CA LEU A 56 -20.47 -34.03 -22.34
C LEU A 56 -19.51 -33.50 -23.38
N GLY A 57 -18.38 -32.92 -22.95
CA GLY A 57 -17.39 -32.46 -23.91
C GLY A 57 -16.78 -33.60 -24.70
N ILE A 58 -16.49 -34.72 -24.03
CA ILE A 58 -15.98 -35.90 -24.72
C ILE A 58 -17.00 -36.40 -25.74
N ALA A 59 -18.28 -36.45 -25.34
CA ALA A 59 -19.31 -36.91 -26.26
C ALA A 59 -19.43 -35.98 -27.46
N GLY A 60 -19.32 -34.67 -27.24
CA GLY A 60 -19.40 -33.72 -28.34
C GLY A 60 -18.18 -33.68 -29.23
N SER A 61 -17.04 -34.15 -28.73
CA SER A 61 -15.84 -34.20 -29.55
C SER A 61 -15.96 -35.18 -30.72
N PHE A 62 -16.94 -36.07 -30.69
CA PHE A 62 -17.17 -37.04 -31.76
C PHE A 62 -18.00 -36.48 -32.90
N TYR A 63 -18.29 -35.18 -32.89
CA TYR A 63 -19.07 -34.59 -33.98
C TYR A 63 -18.33 -34.68 -35.30
N ILE A 64 -17.02 -34.39 -35.29
CA ILE A 64 -16.24 -34.43 -36.51
C ILE A 64 -16.06 -35.84 -37.04
N LYS A 65 -16.20 -36.86 -36.19
CA LYS A 65 -16.12 -38.24 -36.66
C LYS A 65 -17.33 -38.58 -37.53
N PHE A 66 -18.53 -38.20 -37.07
CA PHE A 66 -19.73 -38.50 -37.84
C PHE A 66 -19.81 -37.65 -39.10
N LEU A 67 -19.29 -36.43 -39.05
CA LEU A 67 -19.31 -35.57 -40.23
C LEU A 67 -18.51 -36.18 -41.37
N PHE A 68 -17.30 -36.66 -41.08
CA PHE A 68 -16.36 -37.06 -42.10
C PHE A 68 -16.34 -38.57 -42.36
N ASP A 69 -17.24 -39.33 -41.74
CA ASP A 69 -17.32 -40.75 -41.98
C ASP A 69 -18.67 -41.22 -42.46
N ASP A 70 -19.76 -40.60 -42.02
CA ASP A 70 -21.10 -41.01 -42.40
C ASP A 70 -21.85 -39.94 -43.19
N LEU A 71 -21.96 -38.73 -42.65
CA LEU A 71 -22.86 -37.74 -43.25
C LEU A 71 -22.29 -37.21 -44.56
N ILE A 72 -21.02 -36.83 -44.60
CA ILE A 72 -20.42 -36.31 -45.81
C ILE A 72 -20.25 -37.42 -46.85
N LYS A 73 -19.78 -38.59 -46.40
CA LYS A 73 -19.44 -39.66 -47.34
C LYS A 73 -20.67 -40.15 -48.09
N PHE A 74 -21.78 -40.32 -47.40
CA PHE A 74 -23.01 -40.83 -48.00
C PHE A 74 -23.99 -39.73 -48.38
N GLU A 75 -23.63 -38.46 -48.17
CA GLU A 75 -24.46 -37.31 -48.56
C GLU A 75 -25.86 -37.39 -47.93
N LYS A 76 -25.89 -37.62 -46.61
CA LYS A 76 -27.13 -37.60 -45.86
C LYS A 76 -27.36 -36.19 -45.31
N LEU A 77 -28.47 -35.57 -45.71
CA LEU A 77 -28.73 -34.19 -45.34
C LEU A 77 -29.62 -34.06 -44.11
N ASN A 78 -30.74 -34.79 -44.07
CA ASN A 78 -31.63 -34.72 -42.92
C ASN A 78 -30.94 -35.23 -41.66
N ASP A 79 -30.22 -36.34 -41.79
CA ASP A 79 -29.44 -36.86 -40.66
C ASP A 79 -28.39 -35.84 -40.22
N LEU A 80 -27.82 -35.10 -41.17
CA LEU A 80 -26.84 -34.07 -40.83
C LEU A 80 -27.48 -33.01 -39.94
N HIS A 81 -28.66 -32.53 -40.30
CA HIS A 81 -29.34 -31.52 -39.49
C HIS A 81 -29.69 -32.06 -38.11
N ILE A 82 -30.20 -33.30 -38.05
CA ILE A 82 -30.60 -33.86 -36.77
C ILE A 82 -29.39 -34.01 -35.85
N ILE A 83 -28.28 -34.53 -36.39
CA ILE A 83 -27.09 -34.76 -35.57
C ILE A 83 -26.46 -33.44 -35.14
N SER A 84 -26.46 -32.45 -36.04
CA SER A 84 -25.91 -31.15 -35.67
C SER A 84 -26.74 -30.49 -34.57
N ALA A 85 -28.06 -30.60 -34.65
CA ALA A 85 -28.91 -30.08 -33.58
C ALA A 85 -28.65 -30.80 -32.26
N GLY A 86 -28.50 -32.12 -32.32
CA GLY A 86 -28.20 -32.86 -31.10
C GLY A 86 -26.89 -32.44 -30.46
N PHE A 87 -25.85 -32.24 -31.27
CA PHE A 87 -24.57 -31.83 -30.72
C PHE A 87 -24.60 -30.39 -30.22
N ALA A 88 -25.39 -29.52 -30.85
CA ALA A 88 -25.57 -28.18 -30.32
C ALA A 88 -26.24 -28.22 -28.95
N VAL A 89 -27.26 -29.08 -28.79
CA VAL A 89 -27.91 -29.23 -27.50
C VAL A 89 -26.93 -29.75 -26.45
N ILE A 90 -26.08 -30.71 -26.84
CA ILE A 90 -25.06 -31.23 -25.93
C ILE A 90 -24.13 -30.12 -25.48
N PHE A 91 -23.70 -29.28 -26.42
CA PHE A 91 -22.82 -28.16 -26.07
C PHE A 91 -23.51 -27.18 -25.13
N LEU A 92 -24.79 -26.90 -25.36
CA LEU A 92 -25.52 -25.98 -24.48
C LEU A 92 -25.61 -26.55 -23.07
N LEU A 93 -25.87 -27.85 -22.94
CA LEU A 93 -25.87 -28.47 -21.62
C LEU A 93 -24.51 -28.35 -20.97
N GLN A 94 -23.44 -28.55 -21.74
CA GLN A 94 -22.08 -28.40 -21.21
C GLN A 94 -21.85 -26.99 -20.70
N ILE A 95 -22.32 -25.99 -21.42
CA ILE A 95 -22.14 -24.59 -21.01
C ILE A 95 -22.91 -24.31 -19.74
N PHE A 96 -24.14 -24.83 -19.62
CA PHE A 96 -24.91 -24.61 -18.40
C PHE A 96 -24.20 -25.24 -17.19
N LEU A 97 -23.68 -26.45 -17.35
CA LEU A 97 -22.95 -27.09 -16.27
C LEU A 97 -21.70 -26.29 -15.90
N ASN A 98 -20.99 -25.76 -16.90
CA ASN A 98 -19.81 -24.94 -16.62
C ASN A 98 -20.20 -23.68 -15.86
N TYR A 99 -21.32 -23.06 -16.21
CA TYR A 99 -21.82 -21.89 -15.50
C TYR A 99 -22.07 -22.19 -14.03
N TYR A 100 -22.79 -23.29 -13.77
CA TYR A 100 -23.10 -23.68 -12.38
C TYR A 100 -21.82 -23.93 -11.59
N ARG A 101 -20.90 -24.71 -12.16
CA ARG A 101 -19.65 -25.03 -11.47
C ARG A 101 -18.82 -23.77 -11.23
N SER A 102 -18.81 -22.84 -12.18
CA SER A 102 -18.05 -21.61 -12.01
C SER A 102 -18.61 -20.75 -10.89
N ILE A 103 -19.94 -20.69 -10.78
CA ILE A 103 -20.55 -19.95 -9.67
C ILE A 103 -20.11 -20.54 -8.33
N LEU A 104 -20.20 -21.87 -8.22
CA LEU A 104 -19.80 -22.51 -6.96
C LEU A 104 -18.33 -22.26 -6.64
N VAL A 105 -17.46 -22.36 -7.65
CA VAL A 105 -16.02 -22.17 -7.44
C VAL A 105 -15.73 -20.74 -7.03
N THR A 106 -16.43 -19.76 -7.63
CA THR A 106 -16.22 -18.37 -7.25
C THR A 106 -16.59 -18.14 -5.80
N LYS A 107 -17.72 -18.70 -5.35
CA LYS A 107 -18.09 -18.54 -3.94
C LYS A 107 -17.04 -19.17 -3.02
N LEU A 108 -16.55 -20.35 -3.39
CA LEU A 108 -15.53 -21.03 -2.58
C LEU A 108 -14.26 -20.18 -2.47
N GLY A 109 -13.81 -19.63 -3.59
CA GLY A 109 -12.61 -18.81 -3.57
C GLY A 109 -12.78 -17.55 -2.74
N MET A 110 -13.96 -16.92 -2.83
CA MET A 110 -14.22 -15.75 -2.01
C MET A 110 -14.13 -16.09 -0.52
N SER A 111 -14.72 -17.22 -0.12
CA SER A 111 -14.64 -17.62 1.28
C SER A 111 -13.20 -17.85 1.72
N ILE A 112 -12.42 -18.53 0.89
CA ILE A 112 -11.03 -18.82 1.25
C ILE A 112 -10.22 -17.54 1.43
N ASP A 113 -10.37 -16.61 0.48
CA ASP A 113 -9.61 -15.36 0.58
C ASP A 113 -10.04 -14.54 1.78
N LYS A 114 -11.34 -14.54 2.08
CA LYS A 114 -11.83 -13.87 3.29
C LYS A 114 -11.13 -14.41 4.52
N SER A 115 -11.08 -15.75 4.67
CA SER A 115 -10.46 -16.34 5.85
C SER A 115 -8.98 -15.97 5.91
N ILE A 116 -8.28 -16.03 4.78
CA ILE A 116 -6.84 -15.71 4.78
C ILE A 116 -6.60 -14.29 5.25
N MET A 117 -7.36 -13.33 4.69
CA MET A 117 -7.15 -11.93 5.04
C MET A 117 -7.43 -11.69 6.51
N MET A 118 -8.54 -12.23 7.03
CA MET A 118 -8.86 -12.00 8.44
C MET A 118 -7.81 -12.60 9.35
N GLU A 119 -7.33 -13.81 9.03
CA GLU A 119 -6.31 -14.42 9.88
C GLU A 119 -5.04 -13.59 9.91
N TYR A 120 -4.57 -13.13 8.75
CA TYR A 120 -3.35 -12.34 8.72
C TYR A 120 -3.51 -11.05 9.51
N TYR A 121 -4.66 -10.37 9.34
CA TYR A 121 -4.84 -9.09 10.04
C TYR A 121 -4.89 -9.30 11.55
N SER A 122 -5.60 -10.32 12.01
CA SER A 122 -5.66 -10.58 13.45
C SER A 122 -4.27 -10.88 14.00
N HIS A 123 -3.50 -11.72 13.29
CA HIS A 123 -2.17 -12.04 13.79
C HIS A 123 -1.28 -10.80 13.84
N VAL A 124 -1.32 -9.97 12.79
CA VAL A 124 -0.46 -8.79 12.77
C VAL A 124 -0.87 -7.81 13.86
N LEU A 125 -2.15 -7.80 14.24
CA LEU A 125 -2.55 -7.00 15.40
C LEU A 125 -2.00 -7.58 16.69
N LYS A 126 -1.88 -8.91 16.77
CA LYS A 126 -1.45 -9.54 18.01
C LYS A 126 0.07 -9.61 18.17
N LEU A 127 0.85 -9.08 17.21
CA LEU A 127 2.30 -9.22 17.25
C LEU A 127 2.92 -8.31 18.32
N PRO A 128 4.13 -8.65 18.79
CA PRO A 128 4.76 -7.84 19.85
C PRO A 128 5.19 -6.46 19.38
N MET A 129 5.63 -5.63 20.32
CA MET A 129 6.05 -4.27 20.01
C MET A 129 7.41 -4.21 19.33
N ASN A 130 8.23 -5.27 19.45
CA ASN A 130 9.51 -5.29 18.76
C ASN A 130 9.33 -5.48 17.26
N PHE A 131 8.24 -6.14 16.85
CA PHE A 131 7.97 -6.31 15.43
C PHE A 131 7.72 -4.97 14.74
N PHE A 132 6.97 -4.09 15.38
CA PHE A 132 6.61 -2.81 14.77
C PHE A 132 7.74 -1.79 14.83
N ASN A 133 8.76 -2.02 15.66
CA ASN A 133 9.90 -1.12 15.74
C ASN A 133 10.93 -1.38 14.65
N SER A 134 11.13 -2.65 14.29
CA SER A 134 12.15 -3.03 13.32
C SER A 134 11.60 -3.13 11.90
N ARG A 135 10.33 -2.80 11.68
CA ARG A 135 9.71 -2.89 10.37
C ARG A 135 9.12 -1.55 9.98
N LYS A 136 9.39 -1.10 8.77
CA LYS A 136 8.74 0.08 8.24
C LYS A 136 7.26 -0.20 7.98
N VAL A 137 6.45 0.86 8.00
CA VAL A 137 5.02 0.70 7.77
C VAL A 137 4.77 0.18 6.36
N GLY A 138 5.49 0.71 5.38
CA GLY A 138 5.26 0.34 3.99
C GLY A 138 5.50 -1.13 3.70
N GLU A 139 6.35 -1.78 4.50
CA GLU A 139 6.56 -3.21 4.34
C GLU A 139 5.33 -4.01 4.73
N ILE A 140 4.74 -3.68 5.89
CA ILE A 140 3.56 -4.39 6.35
C ILE A 140 2.38 -4.15 5.41
N ILE A 141 2.22 -2.90 4.95
CA ILE A 141 1.12 -2.59 4.03
C ILE A 141 1.29 -3.35 2.72
N SER A 142 2.53 -3.47 2.25
CA SER A 142 2.78 -4.23 1.03
C SER A 142 2.47 -5.71 1.23
N ARG A 143 2.89 -6.28 2.37
CA ARG A 143 2.63 -7.69 2.60
C ARG A 143 1.14 -7.99 2.71
N PHE A 144 0.38 -7.13 3.40
CA PHE A 144 -1.06 -7.34 3.49
C PHE A 144 -1.71 -7.25 2.11
N MET A 145 -1.35 -6.25 1.31
CA MET A 145 -2.02 -6.02 0.05
C MET A 145 -1.46 -6.89 -1.08
N ASP A 146 -0.37 -7.62 -0.82
CA ASP A 146 0.06 -8.66 -1.74
C ASP A 146 -0.84 -9.88 -1.70
N ALA A 147 -1.76 -9.95 -0.73
CA ALA A 147 -2.75 -11.02 -0.69
C ALA A 147 -3.78 -10.90 -1.82
N SER A 148 -3.80 -9.77 -2.53
CA SER A 148 -4.63 -9.68 -3.73
C SER A 148 -4.07 -10.56 -4.84
N LYS A 149 -2.79 -10.89 -4.80
CA LYS A 149 -2.21 -11.85 -5.72
C LYS A 149 -2.70 -13.27 -5.45
N ILE A 150 -2.99 -13.59 -4.19
CA ILE A 150 -3.54 -14.89 -3.86
C ILE A 150 -4.97 -15.02 -4.36
N ARG A 151 -5.70 -13.91 -4.40
CA ARG A 151 -7.09 -13.96 -4.86
C ARG A 151 -7.18 -14.38 -6.32
N GLN A 152 -6.19 -14.01 -7.13
CA GLN A 152 -6.21 -14.37 -8.54
C GLN A 152 -6.06 -15.87 -8.74
N ALA A 153 -5.19 -16.52 -7.96
CA ALA A 153 -4.98 -17.95 -8.11
C ALA A 153 -6.16 -18.76 -7.59
N ILE A 154 -6.92 -18.20 -6.64
CA ILE A 154 -8.10 -18.87 -6.11
C ILE A 154 -9.37 -18.36 -6.79
N SER A 155 -9.23 -17.74 -7.97
CA SER A 155 -10.37 -17.21 -8.70
C SER A 155 -11.23 -18.37 -9.24
N GLY A 156 -12.32 -18.01 -9.90
CA GLY A 156 -13.20 -18.99 -10.49
C GLY A 156 -12.76 -19.56 -11.81
N ALA A 157 -11.74 -18.96 -12.43
CA ALA A 157 -11.20 -19.46 -13.69
C ALA A 157 -9.96 -20.33 -13.52
N THR A 158 -9.14 -20.06 -12.50
CA THR A 158 -7.96 -20.87 -12.27
C THR A 158 -8.33 -22.23 -11.68
N LEU A 159 -9.21 -22.24 -10.69
CA LEU A 159 -9.62 -23.51 -10.09
C LEU A 159 -10.34 -24.39 -11.10
N THR A 160 -11.10 -23.78 -12.02
CA THR A 160 -11.73 -24.54 -13.09
C THR A 160 -10.68 -25.23 -13.95
N ILE A 161 -9.57 -24.53 -14.24
CA ILE A 161 -8.52 -25.12 -15.06
C ILE A 161 -7.81 -26.25 -14.30
N MET A 162 -7.60 -26.10 -12.99
CA MET A 162 -7.03 -27.19 -12.23
C MET A 162 -7.94 -28.41 -12.22
N ILE A 163 -9.25 -28.19 -12.07
CA ILE A 163 -10.19 -29.31 -12.07
C ILE A 163 -10.21 -29.99 -13.43
N ASP A 164 -10.15 -29.20 -14.51
CA ASP A 164 -10.09 -29.79 -15.85
C ASP A 164 -8.82 -30.61 -16.04
N THR A 165 -7.69 -30.10 -15.54
CA THR A 165 -6.44 -30.86 -15.62
C THR A 165 -6.54 -32.17 -14.86
N ILE A 166 -7.20 -32.14 -13.70
CA ILE A 166 -7.43 -33.37 -12.94
C ILE A 166 -8.30 -34.33 -13.74
N MET A 167 -9.36 -33.81 -14.38
CA MET A 167 -10.28 -34.67 -15.12
C MET A 167 -9.70 -35.19 -16.42
N ALA A 168 -8.61 -34.58 -16.90
CA ALA A 168 -7.98 -35.03 -18.15
C ALA A 168 -7.57 -36.50 -18.13
N VAL A 169 -7.60 -37.17 -16.98
CA VAL A 169 -7.27 -38.59 -16.93
C VAL A 169 -8.27 -39.41 -17.74
N ILE A 170 -9.55 -39.04 -17.68
CA ILE A 170 -10.56 -39.75 -18.45
C ILE A 170 -10.30 -39.59 -19.95
N GLY A 171 -9.98 -38.37 -20.37
CA GLY A 171 -9.63 -38.15 -21.77
C GLY A 171 -8.41 -38.94 -22.19
N GLY A 172 -7.40 -39.02 -21.31
CA GLY A 172 -6.24 -39.82 -21.62
C GLY A 172 -6.56 -41.30 -21.76
N ILE A 173 -7.42 -41.81 -20.89
CA ILE A 173 -7.84 -43.22 -20.99
C ILE A 173 -8.56 -43.46 -22.31
N LEU A 174 -9.46 -42.55 -22.68
CA LEU A 174 -10.17 -42.71 -23.95
C LEU A 174 -9.21 -42.64 -25.14
N LEU A 175 -8.22 -41.74 -25.09
CA LEU A 175 -7.25 -41.66 -26.17
C LEU A 175 -6.44 -42.95 -26.27
N TYR A 176 -6.07 -43.54 -25.13
CA TYR A 176 -5.37 -44.82 -25.16
C TYR A 176 -6.26 -45.92 -25.74
N ILE A 177 -7.54 -45.90 -25.39
CA ILE A 177 -8.46 -46.93 -25.89
C ILE A 177 -8.63 -46.81 -27.39
N GLN A 178 -8.71 -45.58 -27.90
CA GLN A 178 -8.90 -45.38 -29.34
C GLN A 178 -7.67 -45.79 -30.14
N ASN A 179 -6.54 -45.12 -29.89
CA ASN A 179 -5.29 -45.41 -30.59
C ASN A 179 -4.16 -45.38 -29.60
N SER A 180 -3.41 -46.49 -29.51
CA SER A 180 -2.29 -46.55 -28.57
C SER A 180 -1.10 -45.73 -29.06
N SER A 181 -0.83 -45.75 -30.36
CA SER A 181 0.34 -45.04 -30.89
C SER A 181 0.18 -43.53 -30.74
N LEU A 182 -0.96 -42.99 -31.16
CA LEU A 182 -1.18 -41.56 -31.03
C LEU A 182 -1.28 -41.14 -29.57
N PHE A 183 -1.81 -42.01 -28.70
CA PHE A 183 -1.81 -41.71 -27.28
C PHE A 183 -0.41 -41.65 -26.71
N PHE A 184 0.47 -42.56 -27.15
CA PHE A 184 1.85 -42.52 -26.70
C PHE A 184 2.55 -41.25 -27.21
N ILE A 185 2.23 -40.83 -28.43
CA ILE A 185 2.80 -39.59 -28.95
C ILE A 185 2.32 -38.39 -28.13
N SER A 186 1.03 -38.36 -27.81
CA SER A 186 0.47 -37.26 -27.03
C SER A 186 0.80 -37.35 -25.56
N PHE A 187 1.38 -38.47 -25.10
CA PHE A 187 1.86 -38.63 -23.74
C PHE A 187 3.26 -38.07 -23.56
N ILE A 188 4.09 -38.14 -24.61
CA ILE A 188 5.40 -37.50 -24.56
C ILE A 188 5.25 -36.00 -24.43
N ILE A 189 4.21 -35.43 -25.04
CA ILE A 189 3.95 -34.00 -24.92
C ILE A 189 3.67 -33.63 -23.48
N ILE A 190 2.98 -34.50 -22.74
CA ILE A 190 2.72 -34.24 -21.33
C ILE A 190 4.02 -34.27 -20.54
N LEU A 191 4.90 -35.23 -20.84
CA LEU A 191 6.18 -35.31 -20.15
C LEU A 191 7.03 -34.08 -20.43
N LEU A 192 7.03 -33.61 -21.68
CA LEU A 192 7.80 -32.42 -22.01
C LEU A 192 7.25 -31.17 -21.32
N TYR A 193 5.94 -31.12 -21.10
CA TYR A 193 5.39 -30.04 -20.28
C TYR A 193 5.89 -30.12 -18.85
N GLY A 194 5.95 -31.34 -18.30
CA GLY A 194 6.42 -31.49 -16.93
C GLY A 194 7.87 -31.09 -16.75
N ILE A 195 8.73 -31.49 -17.69
CA ILE A 195 10.14 -31.12 -17.62
C ILE A 195 10.30 -29.61 -17.74
N ILE A 196 9.58 -28.99 -18.67
CA ILE A 196 9.69 -27.55 -18.86
C ILE A 196 9.21 -26.80 -17.62
N VAL A 197 8.14 -27.28 -17.00
CA VAL A 197 7.64 -26.64 -15.79
C VAL A 197 8.63 -26.82 -14.65
N THR A 198 9.19 -28.02 -14.50
CA THR A 198 10.14 -28.27 -13.42
C THR A 198 11.39 -27.40 -13.56
N VAL A 199 11.90 -27.27 -14.79
CA VAL A 199 13.09 -26.45 -15.01
C VAL A 199 12.81 -24.99 -14.65
N PHE A 200 11.66 -24.47 -15.06
CA PHE A 200 11.30 -23.07 -14.84
C PHE A 200 10.53 -22.86 -13.55
N ASN A 201 10.74 -23.70 -12.54
CA ASN A 201 10.02 -23.56 -11.28
C ASN A 201 10.80 -22.69 -10.29
N LYS A 202 12.05 -23.05 -10.02
CA LYS A 202 12.89 -22.24 -9.14
C LYS A 202 13.16 -20.85 -9.71
N PRO A 203 13.58 -20.69 -10.97
CA PRO A 203 13.85 -19.33 -11.47
C PRO A 203 12.65 -18.39 -11.39
N ILE A 204 11.45 -18.89 -11.60
CA ILE A 204 10.28 -18.01 -11.60
C ILE A 204 9.96 -17.53 -10.19
N GLN A 205 10.09 -18.40 -9.18
CA GLN A 205 9.80 -17.99 -7.81
C GLN A 205 10.78 -16.95 -7.31
N ASN A 206 12.07 -17.11 -7.62
CA ASN A 206 13.07 -16.15 -7.16
C ASN A 206 12.81 -14.76 -7.74
N ALA A 207 12.45 -14.69 -9.02
CA ALA A 207 12.15 -13.41 -9.64
C ALA A 207 10.95 -12.75 -8.98
N ASN A 208 9.93 -13.54 -8.65
CA ASN A 208 8.76 -12.98 -7.98
C ASN A 208 9.11 -12.44 -6.60
N ARG A 209 9.95 -13.17 -5.85
CA ARG A 209 10.40 -12.66 -4.55
C ARG A 209 11.17 -11.36 -4.71
N GLN A 210 12.05 -11.28 -5.71
CA GLN A 210 12.82 -10.06 -5.91
C GLN A 210 11.92 -8.90 -6.25
N ILE A 211 10.93 -9.12 -7.13
CA ILE A 211 10.00 -8.06 -7.49
C ILE A 211 9.19 -7.60 -6.30
N MET A 212 8.72 -8.55 -5.48
CA MET A 212 7.93 -8.18 -4.31
C MET A 212 8.75 -7.41 -3.28
N GLU A 213 10.01 -7.82 -3.08
CA GLU A 213 10.88 -7.07 -2.17
C GLU A 213 11.13 -5.65 -2.68
N ASP A 214 11.38 -5.50 -3.97
CA ASP A 214 11.61 -4.17 -4.53
C ASP A 214 10.36 -3.31 -4.44
N ASN A 215 9.19 -3.92 -4.67
CA ASN A 215 7.94 -3.18 -4.52
C ASN A 215 7.70 -2.76 -3.08
N ALA A 216 8.07 -3.62 -2.12
CA ALA A 216 7.97 -3.25 -0.72
C ALA A 216 8.86 -2.07 -0.39
N LYS A 217 10.09 -2.07 -0.91
CA LYS A 217 10.98 -0.93 -0.68
C LYS A 217 10.42 0.35 -1.30
N LEU A 218 9.87 0.25 -2.52
CA LEU A 218 9.29 1.42 -3.16
C LEU A 218 8.08 1.94 -2.38
N THR A 219 7.25 1.03 -1.87
CA THR A 219 6.10 1.44 -1.08
C THR A 219 6.54 2.13 0.21
N SER A 220 7.58 1.59 0.86
CA SER A 220 8.10 2.24 2.06
C SER A 220 8.61 3.64 1.76
N ALA A 221 9.32 3.80 0.63
CA ALA A 221 9.83 5.11 0.26
C ALA A 221 8.69 6.09 0.01
N LEU A 222 7.65 5.65 -0.72
CA LEU A 222 6.52 6.52 -1.01
C LEU A 222 5.78 6.92 0.27
N VAL A 223 5.58 5.96 1.18
CA VAL A 223 4.91 6.26 2.43
C VAL A 223 5.71 7.28 3.23
N GLU A 224 7.02 7.06 3.35
CA GLU A 224 7.87 7.98 4.10
C GLU A 224 7.88 9.37 3.48
N SER A 225 7.86 9.44 2.15
CA SER A 225 7.80 10.75 1.49
C SER A 225 6.47 11.43 1.75
N VAL A 226 5.38 10.68 1.79
CA VAL A 226 4.08 11.28 2.05
C VAL A 226 4.00 11.81 3.48
N LYS A 227 4.62 11.12 4.43
CA LYS A 227 4.59 11.58 5.82
C LYS A 227 5.27 12.93 5.97
N GLY A 228 6.49 13.05 5.45
CA GLY A 228 7.27 14.26 5.64
C GLY A 228 7.18 15.24 4.49
N ILE A 229 5.98 15.43 3.96
CA ILE A 229 5.81 16.30 2.81
C ILE A 229 6.04 17.76 3.20
N GLU A 230 5.72 18.14 4.43
CA GLU A 230 5.97 19.51 4.87
C GLU A 230 7.46 19.83 4.85
N THR A 231 8.28 18.93 5.40
CA THR A 231 9.73 19.16 5.41
C THR A 231 10.30 19.14 4.01
N ILE A 232 9.84 18.20 3.18
CA ILE A 232 10.33 18.09 1.81
C ILE A 232 10.03 19.37 1.05
N LYS A 233 8.80 19.89 1.19
CA LYS A 233 8.45 21.15 0.54
C LYS A 233 9.27 22.31 1.10
N SER A 234 9.39 22.39 2.43
CA SER A 234 10.03 23.54 3.05
C SER A 234 11.50 23.63 2.68
N PHE A 235 12.19 22.50 2.58
CA PHE A 235 13.60 22.50 2.25
C PHE A 235 13.85 22.38 0.75
N GLY A 236 12.81 22.39 -0.07
CA GLY A 236 12.99 22.28 -1.51
C GLY A 236 13.59 20.97 -1.93
N ALA A 237 13.15 19.87 -1.31
CA ALA A 237 13.71 18.54 -1.59
C ALA A 237 12.82 17.72 -2.51
N GLU A 238 11.92 18.36 -3.26
CA GLU A 238 11.12 17.62 -4.23
C GLU A 238 11.99 17.00 -5.31
N GLU A 239 12.95 17.76 -5.84
CA GLU A 239 13.84 17.24 -6.87
C GLU A 239 14.73 16.13 -6.31
N GLN A 240 15.26 16.32 -5.10
CA GLN A 240 16.11 15.29 -4.50
C GLN A 240 15.32 14.03 -4.18
N THR A 241 14.07 14.17 -3.74
CA THR A 241 13.24 13.00 -3.46
C THR A 241 12.78 12.28 -4.72
N GLU A 242 12.78 12.96 -5.86
CA GLU A 242 12.43 12.30 -7.12
C GLU A 242 13.51 11.36 -7.58
N LYS A 243 14.78 11.65 -7.28
CA LYS A 243 15.87 10.79 -7.73
C LYS A 243 15.88 9.47 -6.99
N SER A 244 15.66 9.49 -5.67
CA SER A 244 15.64 8.25 -4.90
C SER A 244 14.49 7.34 -5.34
N THR A 245 13.30 7.93 -5.48
CA THR A 245 12.16 7.14 -5.94
C THR A 245 12.32 6.68 -7.37
N ARG A 246 12.99 7.48 -8.20
CA ARG A 246 13.29 7.05 -9.56
C ARG A 246 14.24 5.87 -9.57
N ASP A 247 15.24 5.88 -8.69
CA ASP A 247 16.15 4.75 -8.58
C ASP A 247 15.43 3.49 -8.12
N LYS A 248 14.52 3.63 -7.15
CA LYS A 248 13.76 2.48 -6.69
C LYS A 248 12.82 1.97 -7.78
N ILE A 249 12.21 2.87 -8.54
CA ILE A 249 11.36 2.47 -9.66
C ILE A 249 12.19 1.74 -10.71
N GLU A 250 13.41 2.22 -10.96
CA GLU A 250 14.29 1.54 -11.92
C GLU A 250 14.66 0.14 -11.44
N THR A 251 14.92 -0.01 -10.13
CA THR A 251 15.18 -1.33 -9.59
C THR A 251 13.98 -2.26 -9.78
N VAL A 252 12.78 -1.74 -9.51
CA VAL A 252 11.56 -2.54 -9.71
C VAL A 252 11.41 -2.93 -11.18
N MET A 253 11.69 -1.99 -12.09
CA MET A 253 11.58 -2.28 -13.51
C MET A 253 12.58 -3.33 -13.96
N LYS A 254 13.82 -3.25 -13.47
CA LYS A 254 14.81 -4.26 -13.81
C LYS A 254 14.39 -5.64 -13.30
N SER A 255 13.88 -5.70 -12.06
CA SER A 255 13.42 -6.98 -11.52
C SER A 255 12.24 -7.51 -12.30
N SER A 256 11.34 -6.63 -12.75
CA SER A 256 10.19 -7.07 -13.53
C SER A 256 10.61 -7.55 -14.91
N PHE A 257 11.59 -6.89 -15.53
CA PHE A 257 12.05 -7.33 -16.84
C PHE A 257 12.78 -8.66 -16.76
N LYS A 258 13.51 -8.89 -15.67
CA LYS A 258 14.17 -10.18 -15.50
C LYS A 258 13.14 -11.30 -15.42
N GLU A 259 12.01 -11.05 -14.75
CA GLU A 259 10.92 -12.02 -14.73
C GLU A 259 10.16 -12.06 -16.05
N GLY A 260 10.10 -10.92 -16.76
CA GLY A 260 9.39 -10.88 -18.02
C GLY A 260 10.07 -11.63 -19.15
N MET A 261 11.35 -11.97 -18.98
CA MET A 261 12.05 -12.79 -19.97
C MET A 261 12.07 -14.26 -19.62
N LEU A 262 11.89 -14.62 -18.35
CA LEU A 262 11.65 -16.02 -18.01
C LEU A 262 10.31 -16.49 -18.55
N TYR A 263 9.30 -15.62 -18.47
CA TYR A 263 7.99 -15.96 -19.01
C TYR A 263 8.02 -16.10 -20.53
N ILE A 264 8.85 -15.29 -21.20
CA ILE A 264 8.97 -15.39 -22.65
C ILE A 264 9.58 -16.74 -23.03
N ASN A 265 10.64 -17.15 -22.32
CA ASN A 265 11.26 -18.44 -22.59
C ASN A 265 10.30 -19.59 -22.30
N LEU A 266 9.57 -19.50 -21.18
CA LEU A 266 8.60 -20.55 -20.85
C LEU A 266 7.52 -20.65 -21.91
N SER A 267 6.97 -19.51 -22.33
CA SER A 267 5.94 -19.50 -23.36
C SER A 267 6.46 -20.04 -24.69
N SER A 268 7.68 -19.66 -25.07
CA SER A 268 8.25 -20.13 -26.32
C SER A 268 8.45 -21.65 -26.29
N LEU A 269 8.97 -22.18 -25.19
CA LEU A 269 9.20 -23.61 -25.11
C LEU A 269 7.89 -24.39 -25.10
N THR A 270 6.89 -23.92 -24.34
CA THR A 270 5.61 -24.61 -24.32
C THR A 270 4.92 -24.51 -25.68
N GLY A 271 5.08 -23.39 -26.38
CA GLY A 271 4.53 -23.26 -27.72
C GLY A 271 5.20 -24.19 -28.71
N ILE A 272 6.53 -24.31 -28.62
CA ILE A 272 7.24 -25.27 -29.46
C ILE A 272 6.69 -26.67 -29.24
N VAL A 273 6.58 -27.07 -27.98
CA VAL A 273 6.10 -28.41 -27.66
C VAL A 273 4.69 -28.61 -28.19
N ALA A 274 3.80 -27.63 -27.95
CA ALA A 274 2.41 -27.77 -28.37
C ALA A 274 2.27 -27.88 -29.88
N GLY A 275 2.88 -26.94 -30.60
CA GLY A 275 2.73 -26.94 -32.05
C GLY A 275 3.38 -28.15 -32.71
N LEU A 276 4.60 -28.48 -32.30
CA LEU A 276 5.26 -29.65 -32.89
C LEU A 276 4.54 -30.93 -32.51
N GLY A 277 3.97 -31.00 -31.30
CA GLY A 277 3.19 -32.17 -30.94
C GLY A 277 1.93 -32.31 -31.77
N GLY A 278 1.24 -31.20 -32.04
CA GLY A 278 0.09 -31.25 -32.91
C GLY A 278 0.45 -31.69 -34.32
N ILE A 279 1.54 -31.14 -34.84
CA ILE A 279 1.97 -31.52 -36.19
C ILE A 279 2.37 -32.98 -36.24
N VAL A 280 3.07 -33.47 -35.22
CA VAL A 280 3.50 -34.87 -35.21
C VAL A 280 2.30 -35.79 -35.04
N ILE A 281 1.31 -35.38 -34.24
CA ILE A 281 0.10 -36.19 -34.09
C ILE A 281 -0.63 -36.30 -35.41
N LEU A 282 -0.79 -35.18 -36.13
CA LEU A 282 -1.42 -35.23 -37.44
C LEU A 282 -0.60 -36.07 -38.42
N TRP A 283 0.73 -35.97 -38.33
CA TRP A 283 1.62 -36.73 -39.20
C TRP A 283 1.43 -38.24 -39.01
N ALA A 284 1.51 -38.69 -37.76
CA ALA A 284 1.37 -40.11 -37.49
C ALA A 284 -0.07 -40.59 -37.73
N GLY A 285 -1.05 -39.71 -37.51
CA GLY A 285 -2.42 -40.07 -37.82
C GLY A 285 -2.64 -40.26 -39.31
N ALA A 286 -2.07 -39.39 -40.13
CA ALA A 286 -2.15 -39.56 -41.58
C ALA A 286 -1.44 -40.82 -42.01
N TYR A 287 -0.28 -41.11 -41.41
CA TYR A 287 0.40 -42.37 -41.71
C TYR A 287 -0.46 -43.57 -41.37
N ASN A 288 -1.13 -43.53 -40.21
CA ASN A 288 -2.00 -44.64 -39.81
C ASN A 288 -3.18 -44.78 -40.77
N VAL A 289 -3.79 -43.65 -41.15
CA VAL A 289 -4.93 -43.70 -42.07
C VAL A 289 -4.51 -44.28 -43.41
N ILE A 290 -3.33 -43.90 -43.90
CA ILE A 290 -2.81 -44.48 -45.14
C ILE A 290 -2.60 -45.98 -44.96
N LYS A 291 -2.02 -46.38 -43.84
CA LYS A 291 -1.74 -47.79 -43.58
C LYS A 291 -2.99 -48.60 -43.26
N GLY A 292 -4.12 -47.95 -43.01
CA GLY A 292 -5.36 -48.64 -42.74
C GLY A 292 -5.64 -48.94 -41.28
N ASN A 293 -4.86 -48.37 -40.36
CA ASN A 293 -5.10 -48.57 -38.93
C ASN A 293 -6.20 -47.67 -38.37
N MET A 294 -6.59 -46.64 -39.11
CA MET A 294 -7.63 -45.72 -38.66
C MET A 294 -8.45 -45.29 -39.88
N SER A 295 -9.27 -44.27 -39.69
CA SER A 295 -10.03 -43.65 -40.76
C SER A 295 -9.90 -42.14 -40.66
N GLY A 296 -10.28 -41.46 -41.74
CA GLY A 296 -10.17 -40.01 -41.75
C GLY A 296 -10.96 -39.34 -40.65
N GLY A 297 -12.18 -39.82 -40.40
CA GLY A 297 -12.97 -39.28 -39.31
C GLY A 297 -12.38 -39.60 -37.94
N GLN A 298 -11.81 -40.79 -37.79
CA GLN A 298 -11.26 -41.18 -36.49
C GLN A 298 -10.08 -40.31 -36.09
N LEU A 299 -9.22 -39.95 -37.04
CA LEU A 299 -8.10 -39.07 -36.74
C LEU A 299 -8.59 -37.70 -36.30
N LEU A 300 -9.60 -37.16 -36.97
CA LEU A 300 -10.15 -35.86 -36.59
C LEU A 300 -10.81 -35.93 -35.22
N ALA A 301 -11.50 -37.03 -34.93
CA ALA A 301 -12.08 -37.19 -33.60
C ALA A 301 -11.00 -37.29 -32.54
N PHE A 302 -9.88 -37.95 -32.84
CA PHE A 302 -8.76 -38.01 -31.92
C PHE A 302 -8.20 -36.61 -31.66
N ASN A 303 -8.03 -35.82 -32.71
CA ASN A 303 -7.50 -34.46 -32.53
C ASN A 303 -8.47 -33.59 -31.76
N ALA A 304 -9.78 -33.76 -31.99
CA ALA A 304 -10.77 -32.98 -31.24
C ALA A 304 -10.80 -33.39 -29.78
N LEU A 305 -10.61 -34.69 -29.50
CA LEU A 305 -10.58 -35.17 -28.13
C LEU A 305 -9.33 -34.74 -27.38
N LEU A 306 -8.30 -34.27 -28.10
CA LEU A 306 -7.11 -33.72 -27.45
C LEU A 306 -7.40 -32.41 -26.73
N ALA A 307 -8.56 -31.80 -26.97
CA ALA A 307 -8.95 -30.61 -26.23
C ALA A 307 -9.28 -30.91 -24.78
N TYR A 308 -9.36 -32.18 -24.40
CA TYR A 308 -9.63 -32.58 -23.03
C TYR A 308 -8.50 -33.39 -22.42
N PHE A 309 -7.37 -33.55 -23.13
CA PHE A 309 -6.17 -34.14 -22.58
C PHE A 309 -4.99 -33.18 -22.57
N LEU A 310 -4.67 -32.58 -23.71
CA LEU A 310 -3.51 -31.70 -23.81
C LEU A 310 -3.87 -30.24 -23.56
N THR A 311 -5.01 -29.78 -24.05
CA THR A 311 -5.41 -28.39 -23.87
C THR A 311 -5.57 -28.00 -22.40
N PRO A 312 -6.23 -28.78 -21.55
CA PRO A 312 -6.26 -28.41 -20.12
C PRO A 312 -4.88 -28.33 -19.50
N VAL A 313 -3.98 -29.23 -19.87
CA VAL A 313 -2.63 -29.23 -19.30
C VAL A 313 -1.87 -27.98 -19.73
N LYS A 314 -1.95 -27.63 -21.01
CA LYS A 314 -1.26 -26.43 -21.48
C LYS A 314 -1.88 -25.17 -20.90
N ASN A 315 -3.20 -25.18 -20.69
CA ASN A 315 -3.85 -24.04 -20.05
C ASN A 315 -3.38 -23.88 -18.61
N LEU A 316 -3.20 -25.00 -17.90
CA LEU A 316 -2.66 -24.94 -16.55
C LEU A 316 -1.21 -24.43 -16.56
N ILE A 317 -0.41 -24.89 -17.53
CA ILE A 317 0.98 -24.45 -17.62
C ILE A 317 1.03 -22.96 -17.92
N ASP A 318 0.10 -22.46 -18.72
CA ASP A 318 0.06 -21.03 -19.03
C ASP A 318 -0.28 -20.18 -17.82
N LEU A 319 -0.79 -20.79 -16.75
CA LEU A 319 -1.09 -20.09 -15.51
C LEU A 319 0.03 -20.19 -14.48
N GLN A 320 1.17 -20.74 -14.86
CA GLN A 320 2.30 -20.85 -13.94
C GLN A 320 2.73 -19.52 -13.34
N PRO A 321 2.81 -18.41 -14.09
CA PRO A 321 3.11 -17.12 -13.44
C PRO A 321 2.16 -16.75 -12.30
N LEU A 322 0.84 -16.91 -12.51
CA LEU A 322 -0.11 -16.57 -11.47
C LEU A 322 0.06 -17.45 -10.24
N ILE A 323 0.23 -18.76 -10.46
CA ILE A 323 0.35 -19.70 -9.34
C ILE A 323 1.63 -19.42 -8.56
N GLN A 324 2.74 -19.17 -9.26
CA GLN A 324 3.99 -18.90 -8.57
C GLN A 324 3.93 -17.57 -7.82
N THR A 325 3.30 -16.55 -8.40
CA THR A 325 3.16 -15.28 -7.71
C THR A 325 2.32 -15.43 -6.45
N ALA A 326 1.22 -16.18 -6.53
CA ALA A 326 0.40 -16.39 -5.35
C ALA A 326 1.13 -17.22 -4.30
N VAL A 327 1.93 -18.20 -4.74
CA VAL A 327 2.70 -18.99 -3.79
C VAL A 327 3.72 -18.12 -3.06
N VAL A 328 4.39 -17.23 -3.79
CA VAL A 328 5.35 -16.34 -3.16
C VAL A 328 4.65 -15.39 -2.18
N ALA A 329 3.51 -14.85 -2.57
CA ALA A 329 2.76 -13.97 -1.67
C ALA A 329 2.32 -14.70 -0.42
N SER A 330 1.85 -15.95 -0.57
CA SER A 330 1.44 -16.74 0.58
C SER A 330 2.62 -17.05 1.49
N ASN A 331 3.79 -17.33 0.91
CA ASN A 331 4.98 -17.55 1.72
C ASN A 331 5.37 -16.29 2.49
N ARG A 332 5.27 -15.12 1.85
CA ARG A 332 5.57 -13.87 2.53
C ARG A 332 4.59 -13.63 3.69
N LEU A 333 3.32 -13.93 3.49
CA LEU A 333 2.35 -13.83 4.57
C LEU A 333 2.67 -14.81 5.69
N GLY A 334 3.04 -16.04 5.34
CA GLY A 334 3.37 -17.03 6.35
C GLY A 334 4.60 -16.67 7.15
N GLU A 335 5.53 -15.91 6.55
CA GLU A 335 6.68 -15.43 7.31
C GLU A 335 6.25 -14.58 8.49
N ILE A 336 5.25 -13.71 8.30
CA ILE A 336 4.68 -12.95 9.40
C ILE A 336 3.88 -13.85 10.33
N LEU A 337 3.08 -14.75 9.75
CA LEU A 337 2.21 -15.60 10.57
C LEU A 337 2.99 -16.58 11.44
N GLU A 338 4.27 -16.82 11.15
CA GLU A 338 5.06 -17.72 11.98
C GLU A 338 5.58 -17.07 13.25
N LEU A 339 5.40 -15.75 13.42
CA LEU A 339 5.89 -15.09 14.61
C LEU A 339 5.04 -15.47 15.82
N ALA A 340 5.57 -15.16 17.00
CA ALA A 340 5.07 -15.73 18.25
C ALA A 340 4.07 -14.84 18.98
N THR A 341 3.67 -13.71 18.40
CA THR A 341 2.72 -12.78 19.01
C THR A 341 3.20 -12.28 20.37
N GLU A 342 2.39 -11.49 21.06
CA GLU A 342 2.75 -10.92 22.34
C GLU A 342 2.31 -11.76 23.53
N LYS A 343 1.51 -12.80 23.31
CA LYS A 343 0.98 -13.59 24.41
C LYS A 343 1.55 -15.00 24.49
N GLU A 344 2.11 -15.53 23.40
CA GLU A 344 2.74 -16.84 23.45
C GLU A 344 4.14 -16.81 24.03
N LEU A 345 4.70 -15.61 24.23
CA LEU A 345 6.01 -15.46 24.86
C LEU A 345 5.92 -15.31 26.38
N ARG A 346 4.72 -15.25 26.94
CA ARG A 346 4.56 -15.02 28.36
C ARG A 346 4.54 -16.34 29.13
N GLU A 347 5.01 -16.29 30.37
CA GLU A 347 5.08 -17.47 31.22
C GLU A 347 3.69 -17.81 31.76
N ASP A 348 3.64 -18.78 32.66
CA ASP A 348 2.39 -19.19 33.28
C ASP A 348 1.89 -18.08 34.20
N SER A 349 0.85 -17.38 33.77
CA SER A 349 0.33 -16.25 34.53
C SER A 349 -0.39 -16.74 35.78
N ASP A 350 -0.07 -16.14 36.92
CA ASP A 350 -0.73 -16.47 38.17
C ASP A 350 -2.12 -15.86 38.18
N ASP A 351 -3.12 -16.68 38.51
CA ASP A 351 -4.52 -16.27 38.46
C ASP A 351 -5.03 -15.75 39.80
N PHE A 352 -4.16 -15.65 40.80
CA PHE A 352 -4.55 -15.13 42.11
C PHE A 352 -4.38 -13.62 42.22
N VAL A 353 -4.01 -12.95 41.14
CA VAL A 353 -3.86 -11.50 41.10
C VAL A 353 -5.01 -10.94 40.29
N ILE A 354 -5.78 -10.04 40.91
CA ILE A 354 -6.93 -9.42 40.27
C ILE A 354 -6.88 -7.90 40.29
N SER A 355 -5.85 -7.32 40.89
CA SER A 355 -5.71 -5.87 40.93
C SER A 355 -4.25 -5.51 41.08
N LEU A 356 -3.81 -4.50 40.35
CA LEU A 356 -2.43 -4.03 40.41
C LEU A 356 -2.26 -2.89 41.42
N LYS A 357 -2.70 -3.14 42.65
CA LYS A 357 -2.61 -2.16 43.74
C LYS A 357 -1.53 -2.64 44.70
N GLY A 358 -0.36 -2.02 44.62
CA GLY A 358 0.75 -2.42 45.47
C GLY A 358 1.97 -1.60 45.14
N ASP A 359 3.07 -1.93 45.83
CA ASP A 359 4.32 -1.20 45.67
C ASP A 359 5.02 -1.68 44.40
N ILE A 360 5.14 -0.78 43.42
CA ILE A 360 5.87 -1.08 42.19
C ILE A 360 7.36 -0.97 42.48
N GLU A 361 8.11 -2.00 42.12
CA GLU A 361 9.54 -2.06 42.41
C GLU A 361 10.29 -2.50 41.16
N PHE A 362 11.40 -1.82 40.88
CA PHE A 362 12.35 -2.22 39.85
C PHE A 362 13.59 -2.75 40.54
N ARG A 363 13.95 -3.99 40.26
CA ARG A 363 15.07 -4.67 40.92
C ARG A 363 16.17 -4.91 39.88
N ASN A 364 17.16 -4.02 39.88
CA ASN A 364 18.34 -4.15 39.01
C ASN A 364 17.93 -4.33 37.55
N VAL A 365 16.98 -3.50 37.10
CA VAL A 365 16.43 -3.62 35.77
C VAL A 365 17.41 -3.03 34.76
N ASP A 366 17.88 -3.87 33.83
CA ASP A 366 18.69 -3.44 32.71
C ASP A 366 17.89 -3.63 31.43
N PHE A 367 18.03 -2.70 30.50
CA PHE A 367 17.27 -2.78 29.27
C PHE A 367 18.00 -2.03 28.16
N ARG A 368 17.96 -2.59 26.95
CA ARG A 368 18.50 -1.93 25.76
C ARG A 368 17.61 -2.31 24.58
N TYR A 369 17.44 -1.36 23.67
CA TYR A 369 16.55 -1.58 22.52
C TYR A 369 17.31 -2.36 21.46
N GLY A 370 17.20 -3.68 21.52
CA GLY A 370 17.87 -4.53 20.55
C GLY A 370 19.30 -4.77 20.94
N LEU A 371 20.22 -4.52 20.01
CA LEU A 371 21.65 -4.73 20.22
C LEU A 371 22.40 -3.43 20.46
N ARG A 372 21.68 -2.32 20.65
CA ARG A 372 22.31 -1.01 20.77
C ARG A 372 22.88 -0.84 22.19
N LYS A 373 23.30 0.39 22.50
CA LYS A 373 23.82 0.69 23.82
C LYS A 373 22.70 0.57 24.87
N PRO A 374 23.04 0.22 26.10
CA PRO A 374 22.02 0.11 27.15
C PRO A 374 21.33 1.44 27.38
N VAL A 375 20.02 1.37 27.60
CA VAL A 375 19.20 2.55 27.90
C VAL A 375 19.05 2.74 29.40
N LEU A 376 18.68 1.67 30.11
CA LEU A 376 18.60 1.67 31.57
C LEU A 376 19.58 0.64 32.10
N LYS A 377 20.35 1.04 33.12
CA LYS A 377 21.37 0.16 33.69
C LYS A 377 21.23 0.17 35.21
N ASN A 378 20.92 -1.01 35.77
CA ASN A 378 20.86 -1.22 37.22
C ASN A 378 19.97 -0.17 37.89
N ILE A 379 18.70 -0.20 37.53
CA ILE A 379 17.72 0.73 38.09
C ILE A 379 17.07 0.09 39.31
N ASN A 380 17.23 0.74 40.46
CA ASN A 380 16.54 0.36 41.68
C ASN A 380 15.55 1.48 42.01
N LEU A 381 14.26 1.14 42.02
CA LEU A 381 13.22 2.15 42.10
C LEU A 381 11.97 1.51 42.69
N THR A 382 11.59 1.92 43.89
CA THR A 382 10.35 1.48 44.52
C THR A 382 9.37 2.64 44.58
N ILE A 383 8.09 2.35 44.37
CA ILE A 383 7.03 3.34 44.37
C ILE A 383 6.02 2.94 45.42
N PRO A 384 5.81 3.75 46.47
CA PRO A 384 4.86 3.37 47.52
C PRO A 384 3.44 3.25 46.97
N LYS A 385 2.66 2.43 47.65
CA LYS A 385 1.29 2.12 47.22
C LYS A 385 0.40 3.34 47.41
N GLY A 386 -0.27 3.75 46.34
CA GLY A 386 -1.24 4.83 46.40
C GLY A 386 -0.68 6.23 46.41
N LYS A 387 0.63 6.39 46.27
CA LYS A 387 1.24 7.71 46.32
C LYS A 387 1.43 8.27 44.90
N THR A 388 1.84 9.54 44.85
CA THR A 388 2.13 10.23 43.60
C THR A 388 3.64 10.36 43.46
N VAL A 389 4.17 9.98 42.30
CA VAL A 389 5.60 9.90 42.07
C VAL A 389 5.96 10.61 40.77
N ALA A 390 7.06 11.37 40.80
CA ALA A 390 7.55 12.09 39.65
C ALA A 390 8.87 11.49 39.19
N ILE A 391 8.97 11.22 37.89
CA ILE A 391 10.20 10.78 37.26
C ILE A 391 10.63 11.87 36.30
N VAL A 392 11.83 12.44 36.52
CA VAL A 392 12.30 13.57 35.75
C VAL A 392 13.73 13.33 35.30
N GLY A 393 14.19 14.19 34.41
CA GLY A 393 15.51 14.07 33.83
C GLY A 393 15.53 14.78 32.49
N GLU A 394 16.61 14.57 31.76
CA GLU A 394 16.74 15.14 30.42
C GLU A 394 16.22 14.16 29.38
N SER A 395 16.16 14.62 28.14
CA SER A 395 15.72 13.76 27.04
C SER A 395 16.69 12.61 26.84
N GLY A 396 16.16 11.44 26.53
CA GLY A 396 16.96 10.25 26.36
C GLY A 396 17.37 9.58 27.64
N SER A 397 16.92 10.05 28.80
CA SER A 397 17.30 9.43 30.06
C SER A 397 16.73 8.02 30.18
N GLY A 398 15.51 7.82 29.70
CA GLY A 398 14.89 6.50 29.79
C GLY A 398 13.57 6.51 30.55
N LYS A 399 12.89 7.66 30.56
CA LYS A 399 11.64 7.78 31.31
C LYS A 399 10.49 7.07 30.59
N THR A 400 10.28 7.40 29.32
CA THR A 400 9.27 6.70 28.54
C THR A 400 9.62 5.22 28.40
N THR A 401 10.92 4.90 28.39
CA THR A 401 11.34 3.50 28.40
C THR A 401 10.89 2.82 29.70
N LEU A 402 11.02 3.50 30.83
CA LEU A 402 10.53 2.96 32.08
C LEU A 402 9.03 2.74 32.03
N ALA A 403 8.30 3.71 31.50
CA ALA A 403 6.84 3.59 31.42
C ALA A 403 6.44 2.42 30.53
N LYS A 404 7.13 2.24 29.41
CA LYS A 404 6.82 1.13 28.52
C LYS A 404 7.21 -0.22 29.13
N LEU A 405 8.27 -0.24 29.92
CA LEU A 405 8.61 -1.47 30.64
C LEU A 405 7.55 -1.82 31.67
N LEU A 406 6.95 -0.81 32.31
CA LEU A 406 5.87 -1.08 33.25
C LEU A 406 4.62 -1.59 32.56
N MET A 407 4.43 -1.28 31.27
CA MET A 407 3.27 -1.71 30.51
C MET A 407 3.47 -3.03 29.79
N ASN A 408 4.62 -3.70 30.00
CA ASN A 408 4.96 -4.94 29.32
C ASN A 408 5.04 -4.80 27.80
N PHE A 409 5.30 -3.59 27.32
CA PHE A 409 5.60 -3.44 25.90
C PHE A 409 6.94 -4.07 25.57
N TYR A 410 7.90 -3.97 26.48
CA TYR A 410 9.20 -4.60 26.34
C TYR A 410 9.56 -5.29 27.64
N SER A 411 10.46 -6.27 27.56
CA SER A 411 10.87 -7.03 28.72
C SER A 411 12.30 -6.67 29.11
N PRO A 412 12.56 -6.45 30.40
CA PRO A 412 13.92 -6.13 30.81
C PRO A 412 14.87 -7.30 30.58
N GLU A 413 16.13 -6.96 30.28
CA GLU A 413 17.13 -7.99 30.04
C GLU A 413 17.56 -8.66 31.33
N LYS A 414 17.70 -7.90 32.41
CA LYS A 414 18.13 -8.44 33.69
C LYS A 414 17.28 -7.80 34.78
N GLY A 415 16.94 -8.60 35.78
CA GLY A 415 16.13 -8.12 36.89
C GLY A 415 14.65 -8.25 36.61
N ASP A 416 13.86 -7.83 37.60
CA ASP A 416 12.42 -7.98 37.55
C ASP A 416 11.73 -6.69 37.93
N ILE A 417 10.50 -6.54 37.48
CA ILE A 417 9.60 -5.48 37.91
C ILE A 417 8.51 -6.13 38.75
N LEU A 418 8.27 -5.61 39.93
CA LEU A 418 7.33 -6.21 40.87
C LEU A 418 6.25 -5.19 41.21
N ILE A 419 5.08 -5.31 40.56
CA ILE A 419 3.94 -4.49 40.91
C ILE A 419 3.50 -4.79 42.33
N ASN A 420 3.69 -6.03 42.77
CA ASN A 420 3.43 -6.45 44.15
C ASN A 420 4.45 -7.53 44.48
N GLY A 421 4.17 -8.32 45.52
CA GLY A 421 5.05 -9.43 45.84
C GLY A 421 5.29 -10.36 44.67
N HIS A 422 4.34 -10.43 43.75
CA HIS A 422 4.48 -11.22 42.54
C HIS A 422 5.17 -10.42 41.44
N SER A 423 5.91 -11.12 40.59
CA SER A 423 6.55 -10.49 39.45
C SER A 423 5.52 -10.04 38.43
N ILE A 424 5.93 -9.12 37.55
CA ILE A 424 4.98 -8.53 36.62
C ILE A 424 4.82 -9.41 35.37
N LYS A 425 5.75 -10.34 35.15
CA LYS A 425 5.63 -11.29 34.05
C LYS A 425 4.76 -12.49 34.41
N ASN A 426 4.39 -12.63 35.68
CA ASN A 426 3.44 -13.65 36.12
C ASN A 426 2.02 -13.09 36.25
N ILE A 427 1.81 -11.83 35.86
CA ILE A 427 0.49 -11.22 35.84
C ILE A 427 -0.07 -11.36 34.44
N SER A 428 -1.37 -11.60 34.35
CA SER A 428 -2.01 -11.74 33.04
C SER A 428 -1.86 -10.45 32.23
N LEU A 429 -1.58 -10.61 30.94
CA LEU A 429 -1.34 -9.44 30.10
C LEU A 429 -2.60 -8.59 29.95
N GLU A 430 -3.77 -9.21 30.02
CA GLU A 430 -5.01 -8.43 30.00
C GLU A 430 -5.11 -7.52 31.21
N LEU A 431 -4.76 -8.03 32.40
CA LEU A 431 -4.83 -7.22 33.61
C LEU A 431 -3.82 -6.09 33.57
N ILE A 432 -2.64 -6.32 33.00
CA ILE A 432 -1.63 -5.28 32.91
C ILE A 432 -2.12 -4.12 32.03
N ARG A 433 -2.75 -4.45 30.91
CA ARG A 433 -3.24 -3.45 29.97
C ARG A 433 -4.63 -2.95 30.30
N LYS A 434 -5.25 -3.45 31.37
CA LYS A 434 -6.57 -2.98 31.79
C LYS A 434 -6.55 -2.17 33.07
N LYS A 435 -5.52 -2.32 33.90
CA LYS A 435 -5.43 -1.60 35.17
C LYS A 435 -4.35 -0.53 35.18
N ILE A 436 -3.54 -0.43 34.14
CA ILE A 436 -2.52 0.61 34.03
C ILE A 436 -2.86 1.47 32.83
N ALA A 437 -3.01 2.77 33.05
CA ALA A 437 -3.38 3.72 32.01
C ALA A 437 -2.16 4.56 31.64
N PHE A 438 -1.91 4.69 30.34
CA PHE A 438 -0.75 5.40 29.82
C PHE A 438 -1.23 6.57 28.97
N VAL A 439 -0.73 7.77 29.28
CA VAL A 439 -1.02 8.96 28.50
C VAL A 439 0.29 9.38 27.84
N SER A 440 0.48 8.98 26.58
CA SER A 440 1.75 9.16 25.91
C SER A 440 1.98 10.62 25.56
N GLN A 441 3.23 10.93 25.17
CA GLN A 441 3.57 12.28 24.77
C GLN A 441 2.81 12.69 23.50
N ASP A 442 2.71 11.79 22.54
CA ASP A 442 1.99 12.04 21.30
C ASP A 442 0.66 11.31 21.34
N VAL A 443 -0.43 12.06 21.13
CA VAL A 443 -1.77 11.53 21.24
C VAL A 443 -2.23 11.02 19.88
N PHE A 444 -2.67 9.76 19.83
CA PHE A 444 -3.17 9.16 18.61
C PHE A 444 -4.70 9.15 18.66
N ILE A 445 -5.32 9.80 17.67
CA ILE A 445 -6.77 9.84 17.56
C ILE A 445 -7.17 9.14 16.27
N PHE A 446 -8.07 8.18 16.37
CA PHE A 446 -8.50 7.39 15.23
C PHE A 446 -9.77 7.95 14.63
N SER A 447 -9.98 7.66 13.34
CA SER A 447 -11.10 8.21 12.59
C SER A 447 -12.43 7.72 13.16
N GLY A 448 -13.16 8.61 13.82
CA GLY A 448 -14.45 8.25 14.39
C GLY A 448 -15.00 9.41 15.17
N THR A 449 -16.13 9.16 15.83
CA THR A 449 -16.75 10.18 16.65
C THR A 449 -15.90 10.44 17.89
N VAL A 450 -16.16 11.59 18.52
CA VAL A 450 -15.48 11.92 19.77
C VAL A 450 -15.80 10.89 20.84
N LYS A 451 -17.05 10.41 20.86
CA LYS A 451 -17.44 9.37 21.80
C LYS A 451 -16.72 8.06 21.51
N GLU A 452 -16.52 7.75 20.23
CA GLU A 452 -15.83 6.50 19.87
C GLU A 452 -14.36 6.54 20.29
N ASN A 453 -13.70 7.69 20.12
CA ASN A 453 -12.32 7.82 20.54
C ASN A 453 -12.18 7.69 22.05
N LEU A 454 -13.11 8.30 22.81
CA LEU A 454 -13.00 8.30 24.26
C LEU A 454 -13.19 6.92 24.86
N ALA A 455 -13.84 6.00 24.15
CA ALA A 455 -13.99 4.63 24.67
C ALA A 455 -12.73 3.81 24.40
N LEU A 456 -12.45 3.57 23.11
CA LEU A 456 -11.22 2.94 22.65
C LEU A 456 -10.81 1.76 23.54
N GLY A 457 -11.66 0.74 23.56
CA GLY A 457 -11.35 -0.46 24.33
C GLY A 457 -12.50 -0.95 25.17
N ASN A 458 -13.32 -0.02 25.67
CA ASN A 458 -14.57 -0.36 26.36
C ASN A 458 -15.66 0.49 25.73
N GLU A 459 -16.21 0.00 24.61
CA GLU A 459 -17.24 0.73 23.88
C GLU A 459 -18.60 0.68 24.58
N ASN A 460 -18.79 -0.22 25.53
CA ASN A 460 -20.05 -0.38 26.25
C ASN A 460 -20.12 0.49 27.50
N VAL A 461 -19.27 1.52 27.60
CA VAL A 461 -19.29 2.39 28.77
C VAL A 461 -20.59 3.16 28.82
N ASP A 462 -21.14 3.30 30.02
CA ASP A 462 -22.35 4.09 30.20
C ASP A 462 -22.10 5.52 29.74
N MET A 463 -23.10 6.10 29.09
CA MET A 463 -22.93 7.43 28.50
C MET A 463 -22.64 8.48 29.57
N ASP A 464 -23.19 8.30 30.77
CA ASP A 464 -22.92 9.22 31.87
C ASP A 464 -21.49 9.07 32.39
N GLU A 465 -20.86 7.92 32.18
CA GLU A 465 -19.48 7.74 32.63
C GLU A 465 -18.49 8.50 31.75
N ILE A 466 -18.83 8.72 30.48
CA ILE A 466 -17.97 9.49 29.61
C ILE A 466 -17.97 10.96 30.01
N ILE A 467 -19.13 11.48 30.42
CA ILE A 467 -19.20 12.87 30.87
C ILE A 467 -18.35 13.07 32.12
N LYS A 468 -18.40 12.11 33.05
CA LYS A 468 -17.64 12.24 34.29
C LYS A 468 -16.14 12.28 34.01
N ALA A 469 -15.67 11.42 33.12
CA ALA A 469 -14.25 11.42 32.76
C ALA A 469 -13.88 12.67 31.99
N ALA A 470 -14.73 13.09 31.05
CA ALA A 470 -14.42 14.26 30.24
C ALA A 470 -14.41 15.53 31.08
N LYS A 471 -15.34 15.64 32.04
CA LYS A 471 -15.37 16.83 32.89
C LYS A 471 -14.17 16.87 33.83
N MET A 472 -13.64 15.71 34.22
CA MET A 472 -12.43 15.68 35.03
C MET A 472 -11.23 16.24 34.26
N ALA A 473 -11.15 15.92 32.97
CA ALA A 473 -10.04 16.36 32.13
C ALA A 473 -10.31 17.68 31.42
N ASN A 474 -11.43 18.34 31.74
CA ASN A 474 -11.83 19.60 31.12
C ASN A 474 -12.10 19.47 29.64
N ALA A 475 -12.34 18.25 29.16
CA ALA A 475 -12.65 18.05 27.75
C ALA A 475 -14.11 18.33 27.42
N HIS A 476 -14.98 18.40 28.43
CA HIS A 476 -16.41 18.57 28.17
C HIS A 476 -16.71 19.98 27.67
N ASP A 477 -15.99 20.97 28.18
CA ASP A 477 -16.29 22.37 27.86
C ASP A 477 -16.16 22.63 26.36
N PHE A 478 -15.06 22.20 25.75
CA PHE A 478 -14.89 22.43 24.32
C PHE A 478 -15.62 21.40 23.48
N ILE A 479 -15.88 20.20 24.02
CA ILE A 479 -16.65 19.20 23.28
C ILE A 479 -18.07 19.70 23.09
N GLU A 480 -18.65 20.34 24.11
CA GLU A 480 -20.00 20.86 23.98
C GLU A 480 -20.10 21.92 22.88
N LYS A 481 -19.02 22.64 22.61
CA LYS A 481 -18.99 23.63 21.55
C LYS A 481 -18.53 23.03 20.23
N LEU A 482 -19.18 21.95 19.83
CA LEU A 482 -18.88 21.23 18.60
C LEU A 482 -20.18 21.00 17.83
N PRO A 483 -20.10 20.82 16.51
CA PRO A 483 -21.32 20.65 15.70
C PRO A 483 -22.23 19.55 16.20
N LEU A 484 -21.73 18.33 16.29
CA LEU A 484 -22.51 17.19 16.75
C LEU A 484 -22.19 16.79 18.19
N LYS A 485 -21.45 17.63 18.92
CA LYS A 485 -21.08 17.39 20.32
C LYS A 485 -20.25 16.11 20.36
N TYR A 486 -20.58 15.13 21.19
CA TYR A 486 -19.78 13.92 21.31
C TYR A 486 -19.82 13.05 20.05
N ASP A 487 -20.74 13.32 19.13
CA ASP A 487 -20.84 12.57 17.89
C ASP A 487 -20.05 13.20 16.74
N THR A 488 -19.29 14.26 17.01
CA THR A 488 -18.53 14.91 15.96
C THR A 488 -17.46 13.98 15.42
N PHE A 489 -17.37 13.89 14.09
CA PHE A 489 -16.40 13.02 13.45
C PHE A 489 -15.01 13.65 13.50
N LEU A 490 -14.02 12.87 13.94
CA LEU A 490 -12.64 13.33 14.01
C LEU A 490 -11.84 12.72 12.86
N ASN A 491 -10.86 13.48 12.37
CA ASN A 491 -10.07 13.03 11.23
C ASN A 491 -9.12 11.91 11.65
N GLU A 492 -8.31 11.46 10.69
CA GLU A 492 -7.39 10.36 10.94
C GLU A 492 -6.30 10.72 11.94
N SER A 493 -6.02 12.01 12.14
CA SER A 493 -5.02 12.44 13.09
C SER A 493 -5.52 13.55 14.01
N GLY A 494 -6.82 13.83 14.00
CA GLY A 494 -7.36 14.89 14.84
C GLY A 494 -6.81 16.26 14.49
N ALA A 495 -6.74 16.58 13.20
CA ALA A 495 -6.20 17.87 12.78
C ALA A 495 -7.06 19.02 13.28
N ASN A 496 -8.39 18.86 13.22
CA ASN A 496 -9.29 19.91 13.66
C ASN A 496 -9.24 20.15 15.16
N LEU A 497 -8.59 19.27 15.93
CA LEU A 497 -8.41 19.43 17.36
C LEU A 497 -6.99 19.91 17.64
N SER A 498 -6.87 20.95 18.46
CA SER A 498 -5.56 21.46 18.81
C SER A 498 -4.83 20.46 19.72
N GLU A 499 -3.54 20.75 19.97
CA GLU A 499 -2.74 19.85 20.78
C GLU A 499 -3.27 19.75 22.20
N GLY A 500 -3.67 20.88 22.78
CA GLY A 500 -4.23 20.85 24.12
C GLY A 500 -5.53 20.05 24.19
N GLN A 501 -6.38 20.20 23.18
CA GLN A 501 -7.62 19.45 23.14
C GLN A 501 -7.36 17.95 23.02
N LYS A 502 -6.39 17.57 22.18
CA LYS A 502 -6.05 16.16 22.03
C LYS A 502 -5.48 15.60 23.33
N GLN A 503 -4.63 16.38 24.02
CA GLN A 503 -4.09 15.93 25.29
C GLN A 503 -5.19 15.76 26.33
N ARG A 504 -6.17 16.69 26.35
CA ARG A 504 -7.28 16.56 27.27
C ARG A 504 -8.13 15.34 26.95
N LEU A 505 -8.33 15.06 25.67
CA LEU A 505 -9.05 13.84 25.29
C LEU A 505 -8.30 12.59 25.74
N ALA A 506 -6.97 12.59 25.59
CA ALA A 506 -6.19 11.44 26.04
C ALA A 506 -6.29 11.27 27.55
N ILE A 507 -6.25 12.36 28.31
CA ILE A 507 -6.37 12.28 29.75
C ILE A 507 -7.75 11.76 30.15
N ALA A 508 -8.80 12.25 29.48
CA ALA A 508 -10.15 11.77 29.76
C ALA A 508 -10.29 10.29 29.43
N ARG A 509 -9.69 9.85 28.32
CA ARG A 509 -9.73 8.43 27.95
C ARG A 509 -9.02 7.58 28.99
N ALA A 510 -7.87 8.04 29.49
CA ALA A 510 -7.17 7.28 30.51
C ALA A 510 -7.94 7.25 31.83
N LEU A 511 -8.55 8.37 32.21
CA LEU A 511 -9.34 8.40 33.44
C LEU A 511 -10.60 7.54 33.31
N LEU A 512 -11.20 7.52 32.12
CA LEU A 512 -12.39 6.70 31.90
C LEU A 512 -12.11 5.21 32.11
N LYS A 513 -10.86 4.78 31.94
CA LYS A 513 -10.51 3.39 32.17
C LYS A 513 -10.66 2.99 33.63
N LYS A 514 -10.60 3.96 34.55
CA LYS A 514 -10.59 3.72 35.98
C LYS A 514 -9.45 2.78 36.33
N PRO A 515 -8.20 3.24 36.22
CA PRO A 515 -7.05 2.35 36.38
C PRO A 515 -6.60 2.25 37.83
N ASP A 516 -5.60 1.40 38.04
CA ASP A 516 -4.94 1.29 39.33
C ASP A 516 -3.58 1.97 39.35
N ILE A 517 -2.91 2.05 38.22
CA ILE A 517 -1.68 2.82 38.05
C ILE A 517 -1.90 3.77 36.89
N LEU A 518 -1.68 5.06 37.12
CA LEU A 518 -1.85 6.09 36.11
C LEU A 518 -0.50 6.71 35.81
N ILE A 519 -0.07 6.60 34.55
CA ILE A 519 1.20 7.14 34.09
C ILE A 519 0.91 8.32 33.17
N LEU A 520 1.38 9.50 33.55
CA LEU A 520 1.19 10.72 32.79
C LEU A 520 2.53 11.09 32.16
N ASP A 521 2.74 10.65 30.92
CA ASP A 521 4.01 10.84 30.21
C ASP A 521 4.01 12.21 29.55
N GLU A 522 4.34 13.23 30.34
CA GLU A 522 4.37 14.62 29.88
C GLU A 522 3.04 15.01 29.24
N ALA A 523 1.94 14.61 29.87
CA ALA A 523 0.61 14.82 29.33
C ALA A 523 0.15 16.27 29.42
N THR A 524 0.70 17.05 30.36
CA THR A 524 0.27 18.42 30.59
C THR A 524 1.29 19.43 30.05
N SER A 525 2.01 19.08 28.98
CA SER A 525 2.98 20.00 28.42
C SER A 525 2.31 21.13 27.66
N ASN A 526 1.23 20.82 26.94
CA ASN A 526 0.53 21.79 26.11
C ASN A 526 -0.72 22.35 26.77
N LEU A 527 -0.95 22.03 28.03
CA LEU A 527 -2.20 22.41 28.71
C LEU A 527 -2.06 23.76 29.39
N ASP A 528 -3.18 24.47 29.47
CA ASP A 528 -3.23 25.77 30.12
C ASP A 528 -3.03 25.62 31.63
N SER A 529 -2.69 26.73 32.28
CA SER A 529 -2.52 26.72 33.72
C SER A 529 -3.82 26.35 34.45
N ILE A 530 -4.95 26.90 33.99
CA ILE A 530 -6.23 26.57 34.60
C ILE A 530 -6.56 25.10 34.36
N THR A 531 -6.36 24.63 33.12
CA THR A 531 -6.63 23.22 32.82
C THR A 531 -5.70 22.30 33.60
N GLU A 532 -4.42 22.67 33.70
CA GLU A 532 -3.48 21.88 34.46
C GLU A 532 -3.87 21.81 35.94
N ASN A 533 -4.28 22.95 36.51
CA ASN A 533 -4.70 22.96 37.90
C ASN A 533 -5.95 22.10 38.11
N HIS A 534 -6.91 22.19 37.19
CA HIS A 534 -8.12 21.38 37.31
C HIS A 534 -7.79 19.89 37.22
N ILE A 535 -6.92 19.52 36.30
CA ILE A 535 -6.57 18.11 36.15
C ILE A 535 -5.79 17.62 37.35
N LYS A 536 -4.92 18.45 37.92
CA LYS A 536 -4.19 18.06 39.13
C LYS A 536 -5.14 17.93 40.31
N ASP A 537 -6.17 18.77 40.38
CA ASP A 537 -7.19 18.62 41.42
C ASP A 537 -7.95 17.31 41.26
N ALA A 538 -8.29 16.95 40.01
CA ALA A 538 -8.95 15.68 39.76
C ALA A 538 -8.05 14.51 40.14
N ILE A 539 -6.75 14.61 39.82
CA ILE A 539 -5.81 13.54 40.18
C ILE A 539 -5.68 13.42 41.69
N TYR A 540 -5.73 14.55 42.40
CA TYR A 540 -5.67 14.51 43.86
C TYR A 540 -6.85 13.72 44.44
N GLY A 541 -8.05 13.93 43.90
CA GLY A 541 -9.22 13.20 44.35
C GLY A 541 -9.43 11.91 43.59
N LEU A 542 -9.01 10.79 44.18
CA LEU A 542 -9.12 9.48 43.57
C LEU A 542 -9.54 8.49 44.64
N GLU A 543 -9.42 7.20 44.34
CA GLU A 543 -9.83 6.14 45.26
C GLU A 543 -8.87 5.96 46.43
N ASP A 544 -7.88 6.85 46.59
CA ASP A 544 -6.88 6.81 47.65
C ASP A 544 -5.99 5.56 47.57
N ASP A 545 -6.14 4.76 46.53
CA ASP A 545 -5.28 3.60 46.34
C ASP A 545 -4.79 3.50 44.89
N VAL A 546 -4.88 4.58 44.13
CA VAL A 546 -4.44 4.61 42.74
C VAL A 546 -3.06 5.24 42.69
N THR A 547 -2.07 4.48 42.27
CA THR A 547 -0.71 4.98 42.15
C THR A 547 -0.59 5.85 40.92
N VAL A 548 -0.03 7.05 41.08
CA VAL A 548 0.14 8.00 39.99
C VAL A 548 1.63 8.21 39.75
N ILE A 549 2.06 8.03 38.51
CA ILE A 549 3.43 8.28 38.10
C ILE A 549 3.40 9.40 37.08
N ILE A 550 4.12 10.48 37.36
CA ILE A 550 4.10 11.69 36.53
C ILE A 550 5.50 11.85 35.93
N ILE A 551 5.63 11.53 34.66
CA ILE A 551 6.87 11.75 33.93
C ILE A 551 6.81 13.17 33.37
N ALA A 552 7.63 14.07 33.92
CA ALA A 552 7.56 15.49 33.59
C ALA A 552 8.91 15.99 33.13
N HIS A 553 8.88 17.00 32.25
CA HIS A 553 10.06 17.73 31.85
C HIS A 553 10.21 19.06 32.56
N ARG A 554 9.10 19.67 32.97
CA ARG A 554 9.11 20.92 33.74
C ARG A 554 9.08 20.57 35.22
N LEU A 555 10.08 21.06 35.96
CA LEU A 555 10.21 20.74 37.37
C LEU A 555 9.24 21.51 38.25
N SER A 556 8.57 22.54 37.72
CA SER A 556 7.61 23.29 38.51
C SER A 556 6.27 22.58 38.67
N THR A 557 6.04 21.50 37.93
CA THR A 557 4.79 20.75 37.97
C THR A 557 4.87 19.51 38.85
N ILE A 558 5.97 19.35 39.60
CA ILE A 558 6.16 18.15 40.43
C ILE A 558 6.46 18.57 41.86
N VAL A 559 6.24 19.86 42.17
CA VAL A 559 6.67 20.40 43.45
C VAL A 559 5.95 19.71 44.60
N ASN A 560 4.64 19.50 44.46
CA ASN A 560 3.82 18.99 45.54
C ASN A 560 3.70 17.46 45.56
N LEU A 561 4.42 16.77 44.68
CA LEU A 561 4.32 15.32 44.62
C LEU A 561 5.13 14.68 45.74
N ASP A 562 4.78 13.43 46.06
CA ASP A 562 5.30 12.78 47.26
C ASP A 562 6.79 12.50 47.14
N LYS A 563 7.21 11.90 46.03
CA LYS A 563 8.62 11.53 45.85
C LYS A 563 9.02 11.78 44.41
N ILE A 564 10.27 12.17 44.22
CA ILE A 564 10.82 12.52 42.92
C ILE A 564 12.07 11.69 42.67
N TYR A 565 12.15 11.05 41.50
CA TYR A 565 13.33 10.33 41.08
C TYR A 565 13.96 11.07 39.90
N LEU A 566 15.28 11.23 39.95
CA LEU A 566 16.03 11.89 38.90
C LEU A 566 16.76 10.84 38.06
N LEU A 567 16.57 10.89 36.76
CA LEU A 567 17.18 9.96 35.83
C LEU A 567 18.34 10.64 35.12
N LYS A 568 19.52 10.04 35.20
CA LYS A 568 20.75 10.59 34.62
C LYS A 568 21.37 9.52 33.72
N ASP A 569 20.93 9.49 32.45
CA ASP A 569 21.41 8.55 31.46
C ASP A 569 21.21 7.10 31.93
N GLY A 570 19.96 6.79 32.24
CA GLY A 570 19.60 5.44 32.65
C GLY A 570 20.00 5.06 34.05
N GLU A 571 20.24 6.04 34.92
CA GLU A 571 20.59 5.77 36.31
C GLU A 571 19.78 6.68 37.22
N ILE A 572 19.24 6.11 38.30
CA ILE A 572 18.53 6.88 39.31
C ILE A 572 19.59 7.39 40.28
N VAL A 573 19.93 8.67 40.16
CA VAL A 573 21.01 9.27 40.93
C VAL A 573 20.49 10.03 42.15
N GLU A 574 19.35 10.70 42.02
CA GLU A 574 18.78 11.48 43.11
C GLU A 574 17.33 11.08 43.33
N SER A 575 16.96 10.80 44.57
CA SER A 575 15.60 10.45 44.93
C SER A 575 15.21 11.16 46.22
N GLY A 576 13.91 11.40 46.37
CA GLY A 576 13.41 12.07 47.55
C GLY A 576 12.38 13.12 47.23
N SER A 577 11.89 13.82 48.26
CA SER A 577 10.89 14.87 48.06
C SER A 577 11.57 16.13 47.54
N HIS A 578 10.76 17.14 47.23
CA HIS A 578 11.29 18.37 46.65
C HIS A 578 12.19 19.10 47.64
N THR A 579 11.79 19.15 48.92
CA THR A 579 12.61 19.82 49.91
C THR A 579 13.95 19.12 50.10
N GLU A 580 13.94 17.80 50.16
CA GLU A 580 15.19 17.05 50.36
C GLU A 580 16.13 17.22 49.18
N LEU A 581 15.60 17.20 47.96
CA LEU A 581 16.44 17.35 46.78
C LEU A 581 17.07 18.75 46.72
N ILE A 582 16.30 19.78 47.07
CA ILE A 582 16.86 21.12 47.16
C ILE A 582 17.89 21.19 48.28
N ALA A 583 17.58 20.59 49.43
CA ALA A 583 18.52 20.59 50.55
C ALA A 583 19.78 19.79 50.24
N LEU A 584 19.68 18.81 49.35
CA LEU A 584 20.86 18.03 48.98
C LEU A 584 21.86 18.86 48.19
N LYS A 585 21.38 19.81 47.40
CA LYS A 585 22.22 20.65 46.53
C LYS A 585 23.06 19.79 45.60
N GLY A 586 22.36 19.01 44.77
CA GLY A 586 22.99 18.11 43.82
C GLY A 586 22.57 18.45 42.41
N ALA A 587 22.40 17.39 41.60
CA ALA A 587 22.01 17.59 40.20
C ALA A 587 20.61 18.20 40.10
N TYR A 588 19.68 17.74 40.93
CA TYR A 588 18.32 18.27 40.89
C TYR A 588 18.31 19.75 41.27
N PHE A 589 19.15 20.14 42.22
CA PHE A 589 19.26 21.56 42.57
C PHE A 589 19.74 22.37 41.37
N LYS A 590 20.72 21.84 40.63
CA LYS A 590 21.21 22.54 39.45
C LYS A 590 20.12 22.67 38.39
N MET A 591 19.36 21.60 38.16
CA MET A 591 18.25 21.68 37.20
C MET A 591 17.20 22.68 37.65
N TRP A 592 16.88 22.71 38.94
CA TRP A 592 15.90 23.66 39.44
C TRP A 592 16.38 25.10 39.27
N LYS A 593 17.66 25.36 39.58
CA LYS A 593 18.20 26.71 39.42
C LYS A 593 18.22 27.12 37.96
N GLN A 594 18.61 26.21 37.06
CA GLN A 594 18.72 26.56 35.65
C GLN A 594 17.34 26.78 35.02
N THR A 595 16.41 25.85 35.26
CA THR A 595 15.10 25.94 34.64
C THR A 595 14.24 27.02 35.30
N GLU A 596 14.27 27.10 36.63
CA GLU A 596 13.45 28.08 37.35
C GLU A 596 14.34 29.09 38.07
N GLN B 26 -10.75 11.95 -21.27
CA GLN B 26 -9.47 11.48 -20.76
C GLN B 26 -8.31 12.08 -21.54
N ASN B 27 -7.14 12.11 -20.92
CA ASN B 27 -5.90 12.55 -21.56
C ASN B 27 -4.90 11.42 -21.73
N MET B 28 -5.20 10.24 -21.17
CA MET B 28 -4.24 9.15 -21.18
C MET B 28 -4.02 8.55 -22.55
N MET B 29 -5.02 8.62 -23.44
CA MET B 29 -4.82 8.12 -24.79
C MET B 29 -3.87 9.02 -25.59
N VAL B 30 -3.97 10.34 -25.39
CA VAL B 30 -3.03 11.26 -26.04
C VAL B 30 -1.65 11.12 -25.42
N LYS B 31 -1.58 10.95 -24.10
CA LYS B 31 -0.30 10.78 -23.43
C LYS B 31 0.36 9.47 -23.83
N PHE B 32 -0.44 8.45 -24.14
CA PHE B 32 0.10 7.17 -24.58
C PHE B 32 0.85 7.31 -25.90
N ALA B 33 0.29 8.08 -26.84
CA ALA B 33 0.96 8.28 -28.12
C ALA B 33 2.25 9.08 -27.98
N GLY B 34 2.34 9.93 -26.94
CA GLY B 34 3.56 10.67 -26.71
C GLY B 34 4.72 9.78 -26.32
N PHE B 35 4.45 8.74 -25.52
CA PHE B 35 5.52 7.86 -25.06
C PHE B 35 6.13 7.08 -26.22
N LEU B 36 5.33 6.69 -27.20
CA LEU B 36 5.82 5.89 -28.32
C LEU B 36 6.46 6.74 -29.41
N LYS B 37 6.44 8.07 -29.28
CA LYS B 37 7.05 8.93 -30.30
C LYS B 37 8.56 8.67 -30.46
N PRO B 38 9.37 8.58 -29.41
CA PRO B 38 10.79 8.25 -29.63
C PRO B 38 11.01 6.88 -30.26
N LEU B 39 10.15 5.91 -29.97
CA LEU B 39 10.32 4.55 -30.47
C LEU B 39 9.55 4.38 -31.78
N LYS B 40 10.07 5.02 -32.81
CA LYS B 40 9.52 4.90 -34.16
C LYS B 40 10.28 3.88 -35.01
N LYS B 41 11.25 3.17 -34.42
CA LYS B 41 11.98 2.13 -35.12
C LYS B 41 11.70 0.74 -34.58
N THR B 42 11.40 0.61 -33.28
CA THR B 42 11.02 -0.69 -32.72
C THR B 42 9.60 -1.07 -33.09
N VAL B 43 8.69 -0.09 -33.20
CA VAL B 43 7.33 -0.38 -33.59
C VAL B 43 7.28 -0.94 -35.01
N LEU B 44 8.13 -0.42 -35.89
CA LEU B 44 8.20 -0.97 -37.25
C LEU B 44 8.68 -2.41 -37.23
N ALA B 45 9.67 -2.73 -36.39
CA ALA B 45 10.15 -4.10 -36.29
C ALA B 45 9.06 -5.02 -35.75
N ILE B 46 8.30 -4.56 -34.76
CA ILE B 46 7.19 -5.34 -34.22
C ILE B 46 6.14 -5.58 -35.31
N PHE B 47 5.84 -4.55 -36.09
CA PHE B 47 4.85 -4.67 -37.16
C PHE B 47 5.30 -5.69 -38.20
N LEU B 48 6.57 -5.61 -38.62
CA LEU B 48 7.06 -6.54 -39.64
C LEU B 48 7.11 -7.97 -39.10
N ALA B 49 7.54 -8.15 -37.86
CA ALA B 49 7.56 -9.48 -37.27
C ALA B 49 6.16 -10.04 -37.15
N SER B 50 5.18 -9.21 -36.80
CA SER B 50 3.80 -9.65 -36.73
C SER B 50 3.26 -10.04 -38.10
N LEU B 51 3.58 -9.27 -39.13
CA LEU B 51 3.16 -9.62 -40.48
C LEU B 51 3.73 -10.96 -40.90
N LEU B 52 5.03 -11.17 -40.64
CA LEU B 52 5.66 -12.43 -41.01
C LEU B 52 5.06 -13.60 -40.23
N TYR B 53 4.81 -13.40 -38.93
CA TYR B 53 4.22 -14.45 -38.10
C TYR B 53 2.83 -14.83 -38.61
N THR B 54 2.01 -13.83 -38.91
CA THR B 54 0.66 -14.09 -39.42
C THR B 54 0.71 -14.79 -40.78
N ALA B 55 1.61 -14.36 -41.65
CA ALA B 55 1.74 -15.00 -42.96
C ALA B 55 2.16 -16.46 -42.82
N LEU B 56 3.13 -16.73 -41.94
CA LEU B 56 3.57 -18.11 -41.75
C LEU B 56 2.46 -18.97 -41.15
N GLY B 57 1.70 -18.42 -40.20
CA GLY B 57 0.58 -19.18 -39.64
C GLY B 57 -0.48 -19.48 -40.68
N ILE B 58 -0.81 -18.49 -41.51
CA ILE B 58 -1.78 -18.70 -42.57
C ILE B 58 -1.30 -19.76 -43.55
N ALA B 59 0.00 -19.72 -43.89
CA ALA B 59 0.57 -20.73 -44.78
C ALA B 59 0.51 -22.12 -44.15
N GLY B 60 0.79 -22.22 -42.85
CA GLY B 60 0.78 -23.50 -42.19
C GLY B 60 -0.60 -24.04 -41.89
N SER B 61 -1.63 -23.20 -41.99
CA SER B 61 -2.99 -23.67 -41.78
C SER B 61 -3.48 -24.64 -42.87
N PHE B 62 -2.76 -24.77 -43.97
CA PHE B 62 -3.16 -25.64 -45.07
C PHE B 62 -2.66 -27.07 -44.94
N TYR B 63 -2.00 -27.40 -43.82
CA TYR B 63 -1.44 -28.73 -43.67
C TYR B 63 -2.53 -29.80 -43.66
N ILE B 64 -3.63 -29.55 -42.96
CA ILE B 64 -4.70 -30.55 -42.89
C ILE B 64 -5.39 -30.69 -44.23
N LYS B 65 -5.51 -29.60 -44.99
CA LYS B 65 -6.06 -29.69 -46.34
C LYS B 65 -5.17 -30.54 -47.23
N PHE B 66 -3.85 -30.33 -47.15
CA PHE B 66 -2.95 -31.14 -47.95
C PHE B 66 -2.98 -32.60 -47.53
N LEU B 67 -3.14 -32.85 -46.22
CA LEU B 67 -3.25 -34.22 -45.74
C LEU B 67 -4.49 -34.91 -46.29
N PHE B 68 -5.65 -34.28 -46.14
CA PHE B 68 -6.91 -34.96 -46.43
C PHE B 68 -7.29 -34.94 -47.91
N ASP B 69 -6.78 -33.98 -48.68
CA ASP B 69 -7.14 -33.89 -50.08
C ASP B 69 -6.18 -34.66 -50.99
N ASP B 70 -4.89 -34.67 -50.65
CA ASP B 70 -3.89 -35.28 -51.53
C ASP B 70 -3.21 -36.49 -50.90
N LEU B 71 -2.59 -36.33 -49.73
CA LEU B 71 -1.73 -37.39 -49.21
C LEU B 71 -2.53 -38.60 -48.71
N ILE B 72 -3.58 -38.34 -47.92
CA ILE B 72 -4.36 -39.44 -47.36
C ILE B 72 -5.12 -40.18 -48.46
N LYS B 73 -5.71 -39.44 -49.40
CA LYS B 73 -6.52 -40.05 -50.44
C LYS B 73 -5.67 -40.94 -51.35
N PHE B 74 -4.49 -40.46 -51.74
CA PHE B 74 -3.65 -41.18 -52.69
C PHE B 74 -2.55 -42.00 -52.03
N GLU B 75 -2.46 -41.98 -50.70
CA GLU B 75 -1.50 -42.80 -49.96
C GLU B 75 -0.06 -42.52 -50.40
N LYS B 76 0.33 -41.26 -50.25
CA LYS B 76 1.68 -40.80 -50.63
C LYS B 76 2.50 -40.67 -49.34
N LEU B 77 3.22 -41.74 -49.00
CA LEU B 77 3.96 -41.75 -47.74
C LEU B 77 5.19 -40.85 -47.80
N ASN B 78 5.96 -40.93 -48.88
CA ASN B 78 7.15 -40.09 -49.00
C ASN B 78 6.77 -38.61 -49.03
N ASP B 79 5.73 -38.27 -49.78
CA ASP B 79 5.23 -36.90 -49.78
C ASP B 79 4.68 -36.54 -48.40
N LEU B 80 4.01 -37.48 -47.73
CA LEU B 80 3.56 -37.23 -46.37
C LEU B 80 4.72 -36.76 -45.50
N HIS B 81 5.84 -37.50 -45.53
CA HIS B 81 6.99 -37.13 -44.72
C HIS B 81 7.57 -35.79 -45.13
N ILE B 82 7.72 -35.56 -46.44
CA ILE B 82 8.38 -34.34 -46.92
C ILE B 82 7.57 -33.10 -46.55
N ILE B 83 6.28 -33.10 -46.88
CA ILE B 83 5.44 -31.95 -46.55
C ILE B 83 5.26 -31.78 -45.04
N SER B 84 5.20 -32.88 -44.29
CA SER B 84 5.11 -32.75 -42.85
C SER B 84 6.35 -32.08 -42.28
N ALA B 85 7.53 -32.47 -42.75
CA ALA B 85 8.76 -31.83 -42.30
C ALA B 85 8.80 -30.36 -42.71
N GLY B 86 8.35 -30.05 -43.92
CA GLY B 86 8.31 -28.66 -44.34
C GLY B 86 7.41 -27.80 -43.48
N PHE B 87 6.23 -28.32 -43.12
CA PHE B 87 5.34 -27.55 -42.25
C PHE B 87 5.88 -27.45 -40.82
N ALA B 88 6.60 -28.47 -40.36
CA ALA B 88 7.27 -28.35 -39.06
C ALA B 88 8.32 -27.24 -39.09
N VAL B 89 9.06 -27.14 -40.20
CA VAL B 89 10.04 -26.06 -40.35
C VAL B 89 9.35 -24.70 -40.35
N ILE B 90 8.22 -24.60 -41.06
CA ILE B 90 7.48 -23.34 -41.09
C ILE B 90 7.00 -22.96 -39.69
N PHE B 91 6.51 -23.94 -38.93
CA PHE B 91 6.06 -23.64 -37.57
C PHE B 91 7.22 -23.19 -36.69
N LEU B 92 8.39 -23.83 -36.84
CA LEU B 92 9.55 -23.40 -36.07
C LEU B 92 9.95 -21.98 -36.44
N LEU B 93 9.87 -21.63 -37.73
CA LEU B 93 10.16 -20.28 -38.15
C LEU B 93 9.21 -19.28 -37.49
N GLN B 94 7.92 -19.59 -37.46
CA GLN B 94 6.98 -18.63 -36.88
C GLN B 94 7.12 -18.57 -35.36
N ILE B 95 7.54 -19.66 -34.72
CA ILE B 95 7.84 -19.61 -33.30
C ILE B 95 9.04 -18.70 -33.03
N PHE B 96 10.08 -18.82 -33.86
CA PHE B 96 11.24 -17.95 -33.71
C PHE B 96 10.86 -16.49 -33.91
N LEU B 97 9.95 -16.22 -34.86
CA LEU B 97 9.48 -14.86 -35.06
C LEU B 97 8.68 -14.36 -33.86
N ASN B 98 7.85 -15.21 -33.27
CA ASN B 98 7.07 -14.80 -32.10
C ASN B 98 7.96 -14.55 -30.89
N TYR B 99 9.06 -15.30 -30.78
CA TYR B 99 10.02 -15.03 -29.71
C TYR B 99 10.67 -13.67 -29.89
N TYR B 100 10.97 -13.30 -31.14
CA TYR B 100 11.65 -12.03 -31.41
C TYR B 100 10.78 -10.84 -31.02
N ARG B 101 9.51 -10.84 -31.45
CA ARG B 101 8.66 -9.68 -31.21
C ARG B 101 8.21 -9.59 -29.75
N SER B 102 8.20 -10.71 -29.04
CA SER B 102 7.81 -10.68 -27.63
C SER B 102 8.82 -9.89 -26.80
N ILE B 103 10.11 -9.99 -27.13
CA ILE B 103 11.13 -9.23 -26.41
C ILE B 103 10.91 -7.74 -26.61
N LEU B 104 10.67 -7.33 -27.86
CA LEU B 104 10.45 -5.91 -28.13
C LEU B 104 9.19 -5.41 -27.45
N VAL B 105 8.12 -6.21 -27.46
CA VAL B 105 6.88 -5.81 -26.81
C VAL B 105 7.08 -5.65 -25.31
N THR B 106 7.83 -6.58 -24.70
CA THR B 106 8.11 -6.48 -23.27
C THR B 106 8.93 -5.23 -22.96
N LYS B 107 9.92 -4.92 -23.81
CA LYS B 107 10.72 -3.72 -23.60
C LYS B 107 9.85 -2.47 -23.66
N LEU B 108 8.96 -2.40 -24.66
CA LEU B 108 8.06 -1.25 -24.77
C LEU B 108 7.15 -1.14 -23.55
N GLY B 109 6.65 -2.29 -23.07
CA GLY B 109 5.79 -2.26 -21.89
C GLY B 109 6.51 -1.74 -20.66
N MET B 110 7.74 -2.21 -20.43
CA MET B 110 8.50 -1.72 -19.29
C MET B 110 8.77 -0.22 -19.42
N SER B 111 9.12 0.24 -20.62
CA SER B 111 9.38 1.66 -20.81
C SER B 111 8.14 2.50 -20.50
N ILE B 112 6.99 2.08 -21.02
CA ILE B 112 5.75 2.85 -20.81
C ILE B 112 5.38 2.86 -19.32
N ASP B 113 5.47 1.72 -18.66
CA ASP B 113 5.12 1.67 -17.25
C ASP B 113 6.07 2.52 -16.41
N LYS B 114 7.37 2.49 -16.71
CA LYS B 114 8.31 3.32 -15.99
C LYS B 114 7.99 4.80 -16.17
N SER B 115 7.67 5.21 -17.40
CA SER B 115 7.33 6.61 -17.64
C SER B 115 6.09 7.01 -16.86
N ILE B 116 5.07 6.15 -16.86
CA ILE B 116 3.83 6.48 -16.15
C ILE B 116 4.08 6.64 -14.67
N MET B 117 4.79 5.68 -14.06
CA MET B 117 5.06 5.75 -12.63
C MET B 117 5.88 6.98 -12.27
N MET B 118 6.91 7.27 -13.07
CA MET B 118 7.75 8.43 -12.79
C MET B 118 6.94 9.72 -12.86
N GLU B 119 6.08 9.84 -13.89
CA GLU B 119 5.28 11.05 -14.02
C GLU B 119 4.32 11.20 -12.84
N TYR B 120 3.71 10.10 -12.40
CA TYR B 120 2.74 10.22 -11.31
C TYR B 120 3.42 10.63 -10.01
N TYR B 121 4.56 10.01 -9.69
CA TYR B 121 5.25 10.37 -8.47
C TYR B 121 5.77 11.81 -8.53
N SER B 122 6.36 12.19 -9.66
CA SER B 122 6.87 13.55 -9.79
C SER B 122 5.76 14.58 -9.63
N HIS B 123 4.56 14.28 -10.14
CA HIS B 123 3.45 15.21 -9.98
C HIS B 123 2.95 15.23 -8.54
N VAL B 124 2.82 14.06 -7.92
CA VAL B 124 2.25 14.01 -6.57
C VAL B 124 3.18 14.69 -5.57
N LEU B 125 4.47 14.79 -5.88
CA LEU B 125 5.35 15.53 -4.98
C LEU B 125 5.07 17.03 -4.99
N LYS B 126 4.54 17.57 -6.08
CA LYS B 126 4.39 19.01 -6.24
C LYS B 126 3.00 19.53 -5.93
N LEU B 127 2.08 18.68 -5.48
CA LEU B 127 0.71 19.11 -5.26
C LEU B 127 0.63 20.07 -4.07
N PRO B 128 -0.40 20.92 -4.03
CA PRO B 128 -0.54 21.86 -2.91
C PRO B 128 -0.69 21.12 -1.59
N MET B 129 -0.54 21.87 -0.51
CA MET B 129 -0.61 21.25 0.81
C MET B 129 -2.02 20.91 1.24
N ASN B 130 -3.03 21.63 0.75
CA ASN B 130 -4.40 21.27 1.09
C ASN B 130 -4.82 19.94 0.46
N PHE B 131 -4.03 19.41 -0.49
CA PHE B 131 -4.31 18.09 -1.02
C PHE B 131 -3.98 17.01 0.00
N PHE B 132 -2.86 17.14 0.70
CA PHE B 132 -2.46 16.12 1.66
C PHE B 132 -3.27 16.20 2.95
N ASN B 133 -3.73 17.39 3.32
CA ASN B 133 -4.57 17.53 4.51
C ASN B 133 -5.90 16.81 4.33
N SER B 134 -6.51 16.94 3.16
CA SER B 134 -7.84 16.41 2.91
C SER B 134 -7.85 14.95 2.49
N ARG B 135 -6.69 14.32 2.35
CA ARG B 135 -6.61 12.95 1.89
C ARG B 135 -5.83 12.11 2.88
N LYS B 136 -6.38 10.94 3.21
CA LYS B 136 -5.65 9.98 4.03
C LYS B 136 -4.44 9.46 3.28
N VAL B 137 -3.41 9.08 4.04
CA VAL B 137 -2.20 8.53 3.43
C VAL B 137 -2.53 7.27 2.64
N GLY B 138 -3.37 6.40 3.22
CA GLY B 138 -3.67 5.13 2.59
C GLY B 138 -4.30 5.29 1.21
N GLU B 139 -5.10 6.34 1.03
CA GLU B 139 -5.72 6.58 -0.27
C GLU B 139 -4.67 6.83 -1.34
N ILE B 140 -3.70 7.72 -1.05
CA ILE B 140 -2.64 8.03 -2.00
C ILE B 140 -1.77 6.79 -2.24
N ILE B 141 -1.45 6.06 -1.18
CA ILE B 141 -0.62 4.87 -1.32
C ILE B 141 -1.31 3.85 -2.22
N SER B 142 -2.62 3.64 -2.00
CA SER B 142 -3.36 2.68 -2.80
C SER B 142 -3.45 3.14 -4.26
N ARG B 143 -3.66 4.43 -4.49
CA ARG B 143 -3.70 4.92 -5.87
C ARG B 143 -2.37 4.69 -6.58
N PHE B 144 -1.25 4.94 -5.90
CA PHE B 144 0.05 4.65 -6.52
C PHE B 144 0.20 3.16 -6.78
N MET B 145 -0.13 2.32 -5.80
CA MET B 145 0.14 0.90 -5.91
C MET B 145 -1.00 0.13 -6.56
N ASP B 146 -2.06 0.81 -6.98
CA ASP B 146 -2.98 0.26 -7.99
C ASP B 146 -2.52 0.68 -9.38
N ALA B 147 -1.24 0.45 -9.66
CA ALA B 147 -0.66 0.70 -10.97
C ALA B 147 0.07 -0.51 -11.53
N SER B 148 0.30 -1.55 -10.72
CA SER B 148 0.75 -2.83 -11.27
C SER B 148 -0.30 -3.43 -12.18
N LYS B 149 -1.57 -3.03 -12.03
CA LYS B 149 -2.62 -3.47 -12.92
C LYS B 149 -2.47 -2.89 -14.32
N ILE B 150 -1.83 -1.71 -14.44
CA ILE B 150 -1.53 -1.17 -15.76
C ILE B 150 -0.40 -1.95 -16.43
N ARG B 151 0.51 -2.53 -15.64
CA ARG B 151 1.55 -3.38 -16.23
C ARG B 151 0.94 -4.62 -16.87
N GLN B 152 -0.07 -5.20 -16.24
CA GLN B 152 -0.62 -6.47 -16.71
C GLN B 152 -1.28 -6.31 -18.08
N ALA B 153 -2.00 -5.22 -18.29
CA ALA B 153 -2.64 -4.98 -19.59
C ALA B 153 -1.67 -4.43 -20.63
N ILE B 154 -0.44 -4.15 -20.25
CA ILE B 154 0.58 -3.62 -21.15
C ILE B 154 1.71 -4.61 -21.39
N SER B 155 1.75 -5.71 -20.64
CA SER B 155 2.83 -6.67 -20.68
C SER B 155 2.90 -7.36 -22.04
N GLY B 156 3.87 -8.27 -22.17
CA GLY B 156 4.20 -8.84 -23.47
C GLY B 156 3.07 -9.60 -24.12
N ALA B 157 2.32 -10.38 -23.35
CA ALA B 157 1.26 -11.21 -23.92
C ALA B 157 0.05 -10.40 -24.35
N THR B 158 -0.34 -9.38 -23.57
CA THR B 158 -1.54 -8.62 -23.88
C THR B 158 -1.38 -7.82 -25.17
N LEU B 159 -0.24 -7.13 -25.31
CA LEU B 159 0.00 -6.39 -26.55
C LEU B 159 0.14 -7.31 -27.74
N THR B 160 0.71 -8.51 -27.53
CA THR B 160 0.75 -9.51 -28.59
C THR B 160 -0.65 -9.90 -29.03
N ILE B 161 -1.56 -10.07 -28.06
CA ILE B 161 -2.93 -10.45 -28.40
C ILE B 161 -3.63 -9.32 -29.17
N MET B 162 -3.42 -8.07 -28.75
CA MET B 162 -3.99 -6.96 -29.51
C MET B 162 -3.43 -6.91 -30.93
N ILE B 163 -2.12 -7.15 -31.07
CA ILE B 163 -1.51 -7.13 -32.40
C ILE B 163 -2.10 -8.23 -33.27
N ASP B 164 -2.32 -9.42 -32.69
CA ASP B 164 -2.95 -10.50 -33.43
C ASP B 164 -4.38 -10.13 -33.83
N THR B 165 -5.10 -9.45 -32.94
CA THR B 165 -6.47 -9.02 -33.28
C THR B 165 -6.47 -8.05 -34.45
N ILE B 166 -5.52 -7.10 -34.47
CA ILE B 166 -5.40 -6.22 -35.62
C ILE B 166 -5.03 -7.00 -36.88
N MET B 167 -4.11 -7.96 -36.76
CA MET B 167 -3.67 -8.73 -37.93
C MET B 167 -4.75 -9.67 -38.44
N ALA B 168 -5.79 -9.94 -37.65
CA ALA B 168 -6.88 -10.83 -38.06
C ALA B 168 -7.58 -10.37 -39.33
N VAL B 169 -7.30 -9.14 -39.78
CA VAL B 169 -7.91 -8.63 -41.01
C VAL B 169 -7.47 -9.46 -42.21
N ILE B 170 -6.18 -9.82 -42.25
CA ILE B 170 -5.67 -10.65 -43.36
C ILE B 170 -6.36 -12.01 -43.35
N GLY B 171 -6.50 -12.61 -42.17
CA GLY B 171 -7.20 -13.88 -42.07
C GLY B 171 -8.65 -13.77 -42.52
N GLY B 172 -9.33 -12.70 -42.16
CA GLY B 172 -10.69 -12.49 -42.61
C GLY B 172 -10.80 -12.35 -44.12
N ILE B 173 -9.86 -11.61 -44.71
CA ILE B 173 -9.85 -11.44 -46.17
C ILE B 173 -9.66 -12.79 -46.85
N LEU B 174 -8.70 -13.60 -46.36
CA LEU B 174 -8.48 -14.90 -46.96
C LEU B 174 -9.67 -15.82 -46.77
N LEU B 175 -10.32 -15.76 -45.60
CA LEU B 175 -11.51 -16.57 -45.38
C LEU B 175 -12.62 -16.20 -46.34
N TYR B 176 -12.80 -14.90 -46.59
CA TYR B 176 -13.77 -14.50 -47.60
C TYR B 176 -13.38 -15.01 -48.99
N ILE B 177 -12.07 -14.98 -49.30
CA ILE B 177 -11.61 -15.50 -50.58
C ILE B 177 -11.96 -16.97 -50.72
N GLN B 178 -11.82 -17.74 -49.64
CA GLN B 178 -12.08 -19.18 -49.71
C GLN B 178 -13.57 -19.47 -49.85
N ASN B 179 -14.37 -19.07 -48.86
CA ASN B 179 -15.81 -19.24 -48.92
C ASN B 179 -16.50 -17.95 -48.50
N SER B 180 -17.70 -17.74 -49.03
CA SER B 180 -18.47 -16.55 -48.70
C SER B 180 -19.46 -16.78 -47.56
N SER B 181 -20.25 -17.85 -47.64
CA SER B 181 -21.23 -18.12 -46.60
C SER B 181 -20.57 -18.40 -45.26
N LEU B 182 -19.51 -19.20 -45.26
CA LEU B 182 -18.79 -19.48 -44.02
C LEU B 182 -18.13 -18.23 -43.46
N PHE B 183 -17.63 -17.36 -44.35
CA PHE B 183 -17.09 -16.08 -43.89
C PHE B 183 -18.18 -15.21 -43.27
N PHE B 184 -19.38 -15.26 -43.84
CA PHE B 184 -20.47 -14.48 -43.26
C PHE B 184 -20.89 -15.03 -41.90
N ILE B 185 -20.84 -16.35 -41.73
CA ILE B 185 -21.09 -16.93 -40.42
C ILE B 185 -20.03 -16.46 -39.42
N SER B 186 -18.76 -16.45 -39.84
CA SER B 186 -17.70 -15.95 -38.98
C SER B 186 -17.90 -14.48 -38.65
N PHE B 187 -18.36 -13.70 -39.63
CA PHE B 187 -18.62 -12.27 -39.40
C PHE B 187 -19.76 -12.08 -38.40
N ILE B 188 -20.79 -12.92 -38.48
CA ILE B 188 -21.89 -12.85 -37.51
C ILE B 188 -21.38 -13.20 -36.12
N ILE B 189 -20.48 -14.18 -36.03
CA ILE B 189 -19.86 -14.50 -34.75
C ILE B 189 -19.07 -13.31 -34.21
N ILE B 190 -18.34 -12.64 -35.10
CA ILE B 190 -17.58 -11.44 -34.70
C ILE B 190 -18.50 -10.35 -34.19
N LEU B 191 -19.61 -10.12 -34.89
CA LEU B 191 -20.56 -9.10 -34.47
C LEU B 191 -21.19 -9.45 -33.12
N LEU B 192 -21.50 -10.73 -32.91
CA LEU B 192 -22.02 -11.16 -31.62
C LEU B 192 -20.99 -10.96 -30.52
N TYR B 193 -19.71 -11.16 -30.83
CA TYR B 193 -18.65 -10.82 -29.88
C TYR B 193 -18.66 -9.34 -29.56
N GLY B 194 -18.80 -8.48 -30.59
CA GLY B 194 -18.78 -7.06 -30.36
C GLY B 194 -20.01 -6.54 -29.65
N ILE B 195 -21.14 -7.23 -29.81
CA ILE B 195 -22.35 -6.83 -29.09
C ILE B 195 -22.22 -7.11 -27.61
N ILE B 196 -21.67 -8.27 -27.25
CA ILE B 196 -21.54 -8.65 -25.85
C ILE B 196 -20.61 -7.70 -25.12
N VAL B 197 -19.56 -7.22 -25.79
CA VAL B 197 -18.57 -6.36 -25.15
C VAL B 197 -19.21 -5.04 -24.71
N THR B 198 -20.04 -4.45 -25.57
CA THR B 198 -20.64 -3.17 -25.23
C THR B 198 -21.58 -3.29 -24.04
N VAL B 199 -22.35 -4.37 -23.96
CA VAL B 199 -23.28 -4.55 -22.85
C VAL B 199 -22.54 -4.69 -21.53
N PHE B 200 -21.37 -5.33 -21.56
CA PHE B 200 -20.58 -5.56 -20.35
C PHE B 200 -19.45 -4.54 -20.19
N ASN B 201 -19.53 -3.41 -20.90
CA ASN B 201 -18.49 -2.39 -20.79
C ASN B 201 -18.70 -1.52 -19.56
N LYS B 202 -19.85 -0.84 -19.49
CA LYS B 202 -20.15 -0.01 -18.33
C LYS B 202 -20.28 -0.82 -17.05
N PRO B 203 -21.02 -1.94 -16.99
CA PRO B 203 -21.12 -2.66 -15.71
C PRO B 203 -19.79 -3.13 -15.15
N ILE B 204 -18.86 -3.54 -16.01
CA ILE B 204 -17.57 -4.03 -15.51
C ILE B 204 -16.72 -2.88 -14.98
N GLN B 205 -16.75 -1.72 -15.62
CA GLN B 205 -16.01 -0.57 -15.09
C GLN B 205 -16.55 -0.14 -13.74
N ASN B 206 -17.87 -0.07 -13.58
CA ASN B 206 -18.45 0.30 -12.30
C ASN B 206 -18.10 -0.71 -11.22
N ALA B 207 -18.13 -2.00 -11.55
CA ALA B 207 -17.78 -3.02 -10.58
C ALA B 207 -16.29 -2.98 -10.25
N ASN B 208 -15.45 -2.68 -11.23
CA ASN B 208 -14.02 -2.59 -10.97
C ASN B 208 -13.67 -1.30 -10.22
N ARG B 209 -14.46 -0.25 -10.42
CA ARG B 209 -14.22 1.00 -9.71
C ARG B 209 -14.68 0.90 -8.26
N GLN B 210 -15.79 0.20 -8.02
CA GLN B 210 -16.32 0.09 -6.66
C GLN B 210 -15.37 -0.69 -5.76
N ILE B 211 -14.75 -1.75 -6.28
CA ILE B 211 -13.84 -2.55 -5.46
C ILE B 211 -12.56 -1.77 -5.17
N MET B 212 -12.15 -0.90 -6.08
CA MET B 212 -10.92 -0.14 -5.86
C MET B 212 -11.07 0.86 -4.71
N GLU B 213 -12.22 1.52 -4.62
CA GLU B 213 -12.46 2.44 -3.51
C GLU B 213 -12.48 1.70 -2.19
N ASP B 214 -13.10 0.53 -2.15
CA ASP B 214 -13.13 -0.28 -0.94
C ASP B 214 -11.73 -0.75 -0.55
N ASN B 215 -10.92 -1.12 -1.54
CA ASN B 215 -9.54 -1.49 -1.26
C ASN B 215 -8.75 -0.31 -0.71
N ALA B 216 -8.99 0.88 -1.24
CA ALA B 216 -8.34 2.07 -0.71
C ALA B 216 -8.74 2.33 0.73
N LYS B 217 -10.03 2.16 1.04
CA LYS B 217 -10.49 2.34 2.41
C LYS B 217 -9.87 1.30 3.35
N LEU B 218 -9.78 0.05 2.89
CA LEU B 218 -9.16 -1.00 3.70
C LEU B 218 -7.68 -0.70 3.94
N THR B 219 -6.97 -0.24 2.92
CA THR B 219 -5.57 0.11 3.08
C THR B 219 -5.40 1.28 4.04
N SER B 220 -6.29 2.28 3.95
CA SER B 220 -6.25 3.39 4.89
C SER B 220 -6.45 2.92 6.32
N ALA B 221 -7.42 2.02 6.53
CA ALA B 221 -7.65 1.48 7.86
C ALA B 221 -6.45 0.70 8.38
N LEU B 222 -5.82 -0.08 7.50
CA LEU B 222 -4.65 -0.86 7.91
C LEU B 222 -3.49 0.07 8.30
N VAL B 223 -3.25 1.11 7.49
CA VAL B 223 -2.18 2.06 7.81
C VAL B 223 -2.48 2.75 9.13
N GLU B 224 -3.72 3.19 9.32
CA GLU B 224 -4.11 3.90 10.53
C GLU B 224 -3.99 3.01 11.77
N SER B 225 -4.28 1.71 11.63
CA SER B 225 -4.15 0.80 12.76
C SER B 225 -2.69 0.50 13.07
N VAL B 226 -1.86 0.41 12.03
CA VAL B 226 -0.42 0.21 12.26
C VAL B 226 0.18 1.44 12.95
N LYS B 227 -0.31 2.62 12.60
CA LYS B 227 0.22 3.85 13.20
C LYS B 227 0.01 3.88 14.71
N GLY B 228 -1.22 3.63 15.15
CA GLY B 228 -1.54 3.71 16.56
C GLY B 228 -1.58 2.35 17.23
N ILE B 229 -0.64 1.48 16.86
CA ILE B 229 -0.60 0.15 17.44
C ILE B 229 -0.25 0.21 18.92
N GLU B 230 0.59 1.16 19.32
CA GLU B 230 0.92 1.30 20.74
C GLU B 230 -0.30 1.71 21.55
N THR B 231 -1.12 2.62 21.01
CA THR B 231 -2.35 3.02 21.70
C THR B 231 -3.39 1.91 21.65
N ILE B 232 -3.43 1.14 20.57
CA ILE B 232 -4.33 0.00 20.49
C ILE B 232 -3.98 -1.04 21.56
N LYS B 233 -2.69 -1.32 21.71
CA LYS B 233 -2.26 -2.27 22.73
C LYS B 233 -2.48 -1.73 24.14
N SER B 234 -2.21 -0.44 24.34
CA SER B 234 -2.31 0.16 25.67
C SER B 234 -3.74 0.15 26.20
N PHE B 235 -4.74 0.05 25.32
CA PHE B 235 -6.13 0.08 25.73
C PHE B 235 -6.85 -1.23 25.47
N GLY B 236 -6.15 -2.25 24.97
CA GLY B 236 -6.81 -3.50 24.63
C GLY B 236 -7.81 -3.39 23.52
N ALA B 237 -7.57 -2.50 22.56
CA ALA B 237 -8.50 -2.24 21.45
C ALA B 237 -8.17 -3.06 20.22
N GLU B 238 -7.57 -4.24 20.38
CA GLU B 238 -7.29 -5.09 19.23
C GLU B 238 -8.56 -5.73 18.68
N GLU B 239 -9.53 -6.03 19.55
CA GLU B 239 -10.75 -6.68 19.09
C GLU B 239 -11.66 -5.71 18.33
N GLN B 240 -11.76 -4.46 18.80
CA GLN B 240 -12.54 -3.47 18.07
C GLN B 240 -11.93 -3.18 16.71
N THR B 241 -10.60 -3.07 16.66
CA THR B 241 -9.93 -2.87 15.38
C THR B 241 -10.13 -4.08 14.47
N GLU B 242 -10.11 -5.28 15.04
CA GLU B 242 -10.40 -6.47 14.27
C GLU B 242 -11.80 -6.41 13.68
N LYS B 243 -12.79 -6.00 14.47
CA LYS B 243 -14.16 -5.91 13.99
C LYS B 243 -14.30 -4.88 12.87
N SER B 244 -13.67 -3.71 13.03
CA SER B 244 -13.80 -2.66 12.01
C SER B 244 -13.14 -3.10 10.71
N THR B 245 -11.91 -3.62 10.79
CA THR B 245 -11.24 -4.07 9.58
C THR B 245 -11.94 -5.29 8.98
N ARG B 246 -12.60 -6.10 9.82
CA ARG B 246 -13.40 -7.20 9.31
C ARG B 246 -14.57 -6.70 8.51
N ASP B 247 -15.25 -5.66 8.99
CA ASP B 247 -16.35 -5.07 8.22
C ASP B 247 -15.86 -4.50 6.90
N LYS B 248 -14.70 -3.85 6.91
CA LYS B 248 -14.15 -3.32 5.66
C LYS B 248 -13.78 -4.45 4.70
N ILE B 249 -13.25 -5.55 5.22
CA ILE B 249 -12.93 -6.70 4.38
C ILE B 249 -14.20 -7.31 3.80
N GLU B 250 -15.28 -7.37 4.59
CA GLU B 250 -16.55 -7.85 4.06
C GLU B 250 -17.06 -6.97 2.94
N THR B 251 -16.92 -5.65 3.08
CA THR B 251 -17.31 -4.75 1.99
C THR B 251 -16.48 -5.00 0.74
N VAL B 252 -15.17 -5.16 0.91
CA VAL B 252 -14.29 -5.42 -0.24
C VAL B 252 -14.68 -6.73 -0.91
N MET B 253 -15.00 -7.75 -0.11
CA MET B 253 -15.34 -9.06 -0.68
C MET B 253 -16.70 -9.04 -1.36
N LYS B 254 -17.67 -8.28 -0.83
CA LYS B 254 -18.93 -8.10 -1.53
C LYS B 254 -18.71 -7.44 -2.88
N SER B 255 -17.88 -6.40 -2.91
CA SER B 255 -17.60 -5.73 -4.18
C SER B 255 -16.91 -6.67 -5.15
N SER B 256 -15.97 -7.48 -4.68
CA SER B 256 -15.27 -8.41 -5.56
C SER B 256 -16.20 -9.50 -6.06
N PHE B 257 -17.10 -9.99 -5.20
CA PHE B 257 -18.03 -11.04 -5.62
C PHE B 257 -19.02 -10.51 -6.66
N LYS B 258 -19.55 -9.30 -6.45
CA LYS B 258 -20.40 -8.71 -7.47
C LYS B 258 -19.63 -8.49 -8.77
N GLU B 259 -18.38 -8.03 -8.65
CA GLU B 259 -17.50 -7.85 -9.80
C GLU B 259 -17.04 -9.18 -10.40
N GLY B 260 -17.08 -10.26 -9.62
CA GLY B 260 -16.67 -11.57 -10.10
C GLY B 260 -17.74 -12.39 -10.77
N MET B 261 -19.01 -12.00 -10.63
CA MET B 261 -20.08 -12.71 -11.33
C MET B 261 -20.41 -12.09 -12.67
N LEU B 262 -20.06 -10.81 -12.89
CA LEU B 262 -20.13 -10.26 -14.23
C LEU B 262 -19.19 -11.00 -15.17
N TYR B 263 -18.03 -11.40 -14.65
CA TYR B 263 -17.08 -12.17 -15.46
C TYR B 263 -17.65 -13.53 -15.83
N ILE B 264 -18.40 -14.15 -14.92
CA ILE B 264 -19.00 -15.45 -15.22
C ILE B 264 -20.03 -15.32 -16.34
N ASN B 265 -20.88 -14.28 -16.27
CA ASN B 265 -21.86 -14.06 -17.32
C ASN B 265 -21.19 -13.76 -18.66
N LEU B 266 -20.17 -12.91 -18.63
CA LEU B 266 -19.46 -12.58 -19.87
C LEU B 266 -18.79 -13.82 -20.47
N SER B 267 -18.14 -14.64 -19.63
CA SER B 267 -17.49 -15.85 -20.11
C SER B 267 -18.51 -16.84 -20.65
N SER B 268 -19.65 -16.98 -19.99
CA SER B 268 -20.67 -17.91 -20.47
C SER B 268 -21.23 -17.48 -21.81
N LEU B 269 -21.53 -16.19 -21.97
CA LEU B 269 -22.03 -15.71 -23.26
C LEU B 269 -20.98 -15.87 -24.36
N THR B 270 -19.73 -15.54 -24.05
CA THR B 270 -18.66 -15.68 -25.03
C THR B 270 -18.46 -17.15 -25.41
N GLY B 271 -18.52 -18.06 -24.44
CA GLY B 271 -18.37 -19.46 -24.74
C GLY B 271 -19.53 -20.00 -25.56
N ILE B 272 -20.75 -19.57 -25.24
CA ILE B 272 -21.91 -19.95 -26.06
C ILE B 272 -21.68 -19.53 -27.50
N VAL B 273 -21.29 -18.27 -27.70
CA VAL B 273 -21.07 -17.77 -29.06
C VAL B 273 -19.99 -18.57 -29.76
N ALA B 274 -18.87 -18.80 -29.09
CA ALA B 274 -17.74 -19.48 -29.72
C ALA B 274 -18.10 -20.92 -30.10
N GLY B 275 -18.62 -21.69 -29.15
CA GLY B 275 -18.92 -23.08 -29.43
C GLY B 275 -20.03 -23.26 -30.44
N LEU B 276 -21.11 -22.49 -30.30
CA LEU B 276 -22.20 -22.59 -31.26
C LEU B 276 -21.76 -22.13 -32.64
N GLY B 277 -20.89 -21.12 -32.72
CA GLY B 277 -20.38 -20.71 -34.01
C GLY B 277 -19.50 -21.78 -34.64
N GLY B 278 -18.69 -22.47 -33.83
CA GLY B 278 -17.90 -23.57 -34.37
C GLY B 278 -18.77 -24.69 -34.89
N ILE B 279 -19.80 -25.06 -34.13
CA ILE B 279 -20.69 -26.14 -34.57
C ILE B 279 -21.46 -25.72 -35.81
N VAL B 280 -21.89 -24.46 -35.88
CA VAL B 280 -22.63 -23.98 -37.04
C VAL B 280 -21.72 -23.92 -38.26
N ILE B 281 -20.46 -23.53 -38.08
CA ILE B 281 -19.52 -23.50 -39.19
C ILE B 281 -19.27 -24.91 -39.72
N LEU B 282 -19.11 -25.88 -38.82
CA LEU B 282 -18.95 -27.27 -39.27
C LEU B 282 -20.21 -27.76 -39.97
N TRP B 283 -21.38 -27.38 -39.45
CA TRP B 283 -22.66 -27.76 -40.06
C TRP B 283 -22.78 -27.23 -41.48
N ALA B 284 -22.55 -25.93 -41.66
CA ALA B 284 -22.66 -25.33 -42.98
C ALA B 284 -21.58 -25.84 -43.92
N GLY B 285 -20.37 -26.10 -43.40
CA GLY B 285 -19.33 -26.65 -44.23
C GLY B 285 -19.64 -28.05 -44.71
N ALA B 286 -20.20 -28.89 -43.83
CA ALA B 286 -20.63 -30.22 -44.25
C ALA B 286 -21.75 -30.13 -45.28
N TYR B 287 -22.67 -29.17 -45.12
CA TYR B 287 -23.71 -28.98 -46.11
C TYR B 287 -23.11 -28.59 -47.46
N ASN B 288 -22.13 -27.70 -47.46
CA ASN B 288 -21.48 -27.29 -48.70
C ASN B 288 -20.72 -28.44 -49.33
N VAL B 289 -20.05 -29.25 -48.52
CA VAL B 289 -19.31 -30.40 -49.05
C VAL B 289 -20.27 -31.40 -49.69
N ILE B 290 -21.41 -31.64 -49.03
CA ILE B 290 -22.43 -32.53 -49.62
C ILE B 290 -22.94 -31.95 -50.93
N LYS B 291 -23.21 -30.65 -50.95
CA LYS B 291 -23.71 -30.01 -52.17
C LYS B 291 -22.63 -29.87 -53.24
N GLY B 292 -21.36 -30.13 -52.92
CA GLY B 292 -20.30 -30.09 -53.90
C GLY B 292 -19.60 -28.76 -54.05
N ASN B 293 -19.89 -27.78 -53.19
CA ASN B 293 -19.24 -26.48 -53.26
C ASN B 293 -17.87 -26.47 -52.60
N MET B 294 -17.46 -27.56 -51.95
CA MET B 294 -16.19 -27.61 -51.25
C MET B 294 -15.71 -29.06 -51.24
N SER B 295 -14.65 -29.30 -50.47
CA SER B 295 -14.18 -30.65 -50.18
C SER B 295 -13.82 -30.73 -48.70
N GLY B 296 -13.66 -31.95 -48.22
CA GLY B 296 -13.33 -32.13 -46.81
C GLY B 296 -12.04 -31.43 -46.42
N GLY B 297 -11.02 -31.52 -47.26
CA GLY B 297 -9.77 -30.83 -46.98
C GLY B 297 -9.95 -29.32 -46.91
N GLN B 298 -10.75 -28.76 -47.81
CA GLN B 298 -10.98 -27.32 -47.79
C GLN B 298 -11.73 -26.90 -46.54
N LEU B 299 -12.70 -27.69 -46.10
CA LEU B 299 -13.42 -27.36 -44.88
C LEU B 299 -12.51 -27.44 -43.66
N LEU B 300 -11.66 -28.46 -43.60
CA LEU B 300 -10.71 -28.57 -42.49
C LEU B 300 -9.71 -27.42 -42.50
N ALA B 301 -9.29 -27.00 -43.71
CA ALA B 301 -8.40 -25.84 -43.82
C ALA B 301 -9.10 -24.57 -43.36
N PHE B 302 -10.38 -24.43 -43.68
CA PHE B 302 -11.14 -23.28 -43.19
C PHE B 302 -11.21 -23.27 -41.67
N ASN B 303 -11.47 -24.43 -41.07
CA ASN B 303 -11.51 -24.51 -39.61
C ASN B 303 -10.15 -24.20 -38.99
N ALA B 304 -9.07 -24.64 -39.63
CA ALA B 304 -7.74 -24.36 -39.12
C ALA B 304 -7.37 -22.88 -39.29
N LEU B 305 -7.82 -22.26 -40.38
CA LEU B 305 -7.56 -20.84 -40.62
C LEU B 305 -8.44 -19.94 -39.74
N LEU B 306 -9.53 -20.49 -39.19
CA LEU B 306 -10.31 -19.73 -38.23
C LEU B 306 -9.53 -19.41 -36.97
N ALA B 307 -8.41 -20.09 -36.74
CA ALA B 307 -7.54 -19.78 -35.61
C ALA B 307 -6.84 -18.44 -35.76
N TYR B 308 -6.87 -17.85 -36.95
CA TYR B 308 -6.26 -16.55 -37.20
C TYR B 308 -7.29 -15.47 -37.53
N PHE B 309 -8.57 -15.75 -37.33
CA PHE B 309 -9.62 -14.75 -37.48
C PHE B 309 -10.53 -14.66 -36.26
N LEU B 310 -10.83 -15.78 -35.60
CA LEU B 310 -11.73 -15.80 -34.46
C LEU B 310 -11.03 -16.02 -33.14
N THR B 311 -9.97 -16.81 -33.12
CA THR B 311 -9.22 -17.04 -31.88
C THR B 311 -8.59 -15.76 -31.33
N PRO B 312 -7.92 -14.91 -32.12
CA PRO B 312 -7.41 -13.65 -31.54
C PRO B 312 -8.51 -12.77 -30.97
N VAL B 313 -9.66 -12.69 -31.64
CA VAL B 313 -10.75 -11.87 -31.15
C VAL B 313 -11.28 -12.42 -29.84
N LYS B 314 -11.45 -13.74 -29.75
CA LYS B 314 -11.93 -14.33 -28.51
C LYS B 314 -10.92 -14.15 -27.38
N ASN B 315 -9.63 -14.20 -27.70
CA ASN B 315 -8.60 -13.94 -26.70
C ASN B 315 -8.71 -12.51 -26.18
N LEU B 316 -8.93 -11.56 -27.08
CA LEU B 316 -9.11 -10.17 -26.65
C LEU B 316 -10.35 -10.02 -25.77
N ILE B 317 -11.45 -10.67 -26.15
CA ILE B 317 -12.67 -10.57 -25.35
C ILE B 317 -12.46 -11.21 -23.98
N ASP B 318 -11.68 -12.29 -23.92
CA ASP B 318 -11.37 -12.91 -22.64
C ASP B 318 -10.47 -12.02 -21.79
N LEU B 319 -9.58 -11.26 -22.42
CA LEU B 319 -8.72 -10.35 -21.68
C LEU B 319 -9.43 -9.06 -21.27
N GLN B 320 -10.59 -8.77 -21.86
CA GLN B 320 -11.33 -7.53 -21.56
C GLN B 320 -11.38 -7.14 -20.09
N PRO B 321 -11.66 -8.04 -19.13
CA PRO B 321 -11.64 -7.60 -17.72
C PRO B 321 -10.32 -7.01 -17.28
N LEU B 322 -9.21 -7.57 -17.75
CA LEU B 322 -7.89 -7.02 -17.41
C LEU B 322 -7.74 -5.61 -17.94
N ILE B 323 -8.17 -5.37 -19.18
CA ILE B 323 -8.09 -4.04 -19.76
C ILE B 323 -9.01 -3.07 -19.03
N GLN B 324 -10.18 -3.53 -18.60
CA GLN B 324 -11.09 -2.66 -17.85
C GLN B 324 -10.48 -2.28 -16.51
N THR B 325 -9.85 -3.23 -15.82
CA THR B 325 -9.18 -2.91 -14.56
C THR B 325 -8.05 -1.91 -14.78
N ALA B 326 -7.25 -2.10 -15.83
CA ALA B 326 -6.18 -1.17 -16.11
C ALA B 326 -6.71 0.21 -16.45
N VAL B 327 -7.81 0.27 -17.20
CA VAL B 327 -8.41 1.55 -17.56
C VAL B 327 -8.92 2.28 -16.32
N VAL B 328 -9.56 1.55 -15.41
CA VAL B 328 -10.06 2.17 -14.18
C VAL B 328 -8.91 2.68 -13.33
N ALA B 329 -7.84 1.88 -13.22
CA ALA B 329 -6.66 2.33 -12.46
C ALA B 329 -6.04 3.56 -13.10
N SER B 330 -5.95 3.60 -14.42
CA SER B 330 -5.37 4.75 -15.10
C SER B 330 -6.25 5.99 -14.93
N ASN B 331 -7.56 5.82 -14.93
CA ASN B 331 -8.46 6.93 -14.66
C ASN B 331 -8.30 7.46 -13.25
N ARG B 332 -8.12 6.55 -12.28
CA ARG B 332 -7.92 6.98 -10.90
C ARG B 332 -6.59 7.71 -10.74
N LEU B 333 -5.56 7.29 -11.47
CA LEU B 333 -4.30 8.03 -11.48
C LEU B 333 -4.47 9.40 -12.13
N GLY B 334 -5.18 9.46 -13.26
CA GLY B 334 -5.40 10.73 -13.93
C GLY B 334 -6.27 11.69 -13.16
N GLU B 335 -7.07 11.19 -12.23
CA GLU B 335 -7.80 12.07 -11.32
C GLU B 335 -6.83 12.90 -10.48
N ILE B 336 -5.77 12.25 -9.98
CA ILE B 336 -4.73 12.99 -9.27
C ILE B 336 -3.93 13.85 -10.23
N LEU B 337 -3.57 13.31 -11.40
CA LEU B 337 -2.75 14.04 -12.35
C LEU B 337 -3.44 15.28 -12.91
N GLU B 338 -4.76 15.38 -12.78
CA GLU B 338 -5.46 16.56 -13.27
C GLU B 338 -5.42 17.72 -12.29
N LEU B 339 -5.07 17.47 -11.04
CA LEU B 339 -4.96 18.55 -10.06
C LEU B 339 -3.76 19.43 -10.40
N ALA B 340 -3.96 20.74 -10.30
CA ALA B 340 -2.90 21.68 -10.60
C ALA B 340 -1.93 21.75 -9.43
N THR B 341 -0.63 21.79 -9.75
CA THR B 341 0.40 21.77 -8.72
C THR B 341 0.45 23.10 -7.98
N GLU B 342 1.39 23.20 -7.04
CA GLU B 342 1.49 24.40 -6.23
C GLU B 342 1.98 25.59 -7.04
N LYS B 343 2.88 25.36 -8.00
CA LYS B 343 3.39 26.44 -8.84
C LYS B 343 2.40 26.86 -9.93
N GLU B 344 1.43 26.01 -10.26
CA GLU B 344 0.46 26.37 -11.29
C GLU B 344 -0.66 27.26 -10.77
N LEU B 345 -0.83 27.36 -9.46
CA LEU B 345 -1.83 28.23 -8.85
C LEU B 345 -1.24 29.58 -8.45
N ARG B 346 -0.03 29.89 -8.87
CA ARG B 346 0.70 31.06 -8.42
C ARG B 346 0.66 32.15 -9.48
N GLU B 347 0.43 33.39 -9.04
CA GLU B 347 0.50 34.52 -9.94
C GLU B 347 1.94 34.76 -10.38
N ASP B 348 2.11 35.61 -11.38
CA ASP B 348 3.44 35.89 -11.90
C ASP B 348 4.35 36.46 -10.81
N SER B 349 5.61 36.04 -10.85
CA SER B 349 6.57 36.41 -9.82
C SER B 349 7.41 37.59 -10.27
N ASP B 350 7.59 38.56 -9.38
CA ASP B 350 8.44 39.71 -9.66
C ASP B 350 9.89 39.28 -9.62
N ASP B 351 10.58 39.42 -10.76
CA ASP B 351 11.97 38.96 -10.85
C ASP B 351 12.94 39.89 -10.13
N PHE B 352 12.51 41.12 -9.80
CA PHE B 352 13.40 42.05 -9.12
C PHE B 352 13.71 41.62 -7.70
N VAL B 353 12.81 40.87 -7.06
CA VAL B 353 13.05 40.39 -5.71
C VAL B 353 14.08 39.27 -5.76
N ILE B 354 15.18 39.44 -5.03
CA ILE B 354 16.26 38.47 -5.03
C ILE B 354 16.48 37.95 -3.61
N SER B 355 16.12 38.75 -2.62
CA SER B 355 16.27 38.37 -1.22
C SER B 355 15.00 38.72 -0.46
N LEU B 356 14.75 38.00 0.63
CA LEU B 356 13.58 38.20 1.45
C LEU B 356 13.87 39.03 2.69
N LYS B 357 15.02 39.68 2.75
CA LYS B 357 15.38 40.53 3.88
C LYS B 357 14.54 41.80 3.83
N GLY B 358 13.90 42.12 4.94
CA GLY B 358 13.04 43.28 5.00
C GLY B 358 11.95 43.07 6.02
N ASP B 359 11.11 44.10 6.17
CA ASP B 359 10.00 44.03 7.11
C ASP B 359 8.95 43.04 6.64
N ILE B 360 8.38 42.29 7.58
CA ILE B 360 7.30 41.37 7.31
C ILE B 360 6.02 41.97 7.91
N GLU B 361 5.00 42.13 7.07
CA GLU B 361 3.77 42.76 7.49
C GLU B 361 2.58 41.85 7.15
N PHE B 362 1.71 41.64 8.13
CA PHE B 362 0.41 41.01 7.91
C PHE B 362 -0.63 42.12 7.84
N ARG B 363 -1.35 42.19 6.72
CA ARG B 363 -2.30 43.26 6.47
C ARG B 363 -3.70 42.66 6.37
N ASN B 364 -4.43 42.70 7.49
CA ASN B 364 -5.82 42.25 7.56
C ASN B 364 -5.95 40.81 7.06
N VAL B 365 -5.08 39.94 7.56
CA VAL B 365 -5.05 38.56 7.11
C VAL B 365 -6.17 37.77 7.76
N ASP B 366 -6.99 37.12 6.94
CA ASP B 366 -8.01 36.18 7.39
C ASP B 366 -7.70 34.81 6.80
N PHE B 367 -7.88 33.77 7.61
CA PHE B 367 -7.61 32.42 7.14
C PHE B 367 -8.46 31.42 7.91
N ARG B 368 -9.05 30.48 7.18
CA ARG B 368 -9.76 29.35 7.75
C ARG B 368 -9.38 28.10 6.97
N TYR B 369 -9.25 26.98 7.67
CA TYR B 369 -8.76 25.74 7.06
C TYR B 369 -9.89 25.09 6.27
N GLY B 370 -10.26 25.75 5.17
CA GLY B 370 -11.32 25.25 4.31
C GLY B 370 -12.62 26.00 4.47
N LEU B 371 -13.61 25.36 5.09
CA LEU B 371 -14.92 25.96 5.30
C LEU B 371 -15.31 26.00 6.77
N ARG B 372 -14.40 25.68 7.68
CA ARG B 372 -14.70 25.60 9.10
C ARG B 372 -14.65 27.00 9.71
N LYS B 373 -14.66 27.05 11.04
CA LYS B 373 -14.60 28.33 11.73
C LYS B 373 -13.26 29.01 11.45
N PRO B 374 -13.23 30.35 11.35
CA PRO B 374 -11.96 31.03 11.03
C PRO B 374 -10.92 30.80 12.12
N VAL B 375 -9.67 30.68 11.69
CA VAL B 375 -8.56 30.50 12.61
C VAL B 375 -7.92 31.83 12.96
N LEU B 376 -7.67 32.67 11.96
CA LEU B 376 -7.11 34.00 12.15
C LEU B 376 -8.12 35.03 11.68
N LYS B 377 -8.36 36.04 12.51
CA LYS B 377 -9.37 37.06 12.23
C LYS B 377 -8.72 38.43 12.32
N ASN B 378 -8.54 39.07 11.16
CA ASN B 378 -7.96 40.42 11.06
C ASN B 378 -6.61 40.49 11.76
N ILE B 379 -5.67 39.71 11.25
CA ILE B 379 -4.34 39.62 11.82
C ILE B 379 -3.48 40.78 11.32
N ASN B 380 -2.77 41.43 12.23
CA ASN B 380 -1.95 42.60 11.89
C ASN B 380 -0.64 42.53 12.67
N LEU B 381 0.46 42.24 11.96
CA LEU B 381 1.80 42.34 12.51
C LEU B 381 2.66 43.23 11.63
N THR B 382 3.77 43.69 12.18
CA THR B 382 4.81 44.40 11.43
C THR B 382 6.14 44.04 12.09
N ILE B 383 6.80 43.02 11.57
CA ILE B 383 8.04 42.50 12.13
C ILE B 383 9.18 43.29 11.50
N PRO B 384 9.92 44.09 12.27
CA PRO B 384 11.03 44.86 11.69
C PRO B 384 12.13 43.94 11.18
N LYS B 385 12.84 44.41 10.15
CA LYS B 385 13.90 43.61 9.55
C LYS B 385 15.07 43.46 10.51
N GLY B 386 15.64 42.26 10.55
CA GLY B 386 16.79 42.00 11.40
C GLY B 386 16.50 42.12 12.87
N LYS B 387 15.30 41.74 13.30
CA LYS B 387 14.92 41.79 14.71
C LYS B 387 14.32 40.45 15.13
N THR B 388 14.53 40.11 16.40
CA THR B 388 14.04 38.87 16.97
C THR B 388 12.73 39.14 17.70
N VAL B 389 11.65 38.53 17.22
CA VAL B 389 10.32 38.75 17.77
C VAL B 389 9.71 37.43 18.19
N ALA B 390 8.69 37.50 19.04
CA ALA B 390 8.05 36.34 19.61
C ALA B 390 6.55 36.37 19.34
N ILE B 391 5.99 35.20 19.01
CA ILE B 391 4.55 35.00 18.89
C ILE B 391 4.15 33.97 19.93
N VAL B 392 3.27 34.36 20.85
CA VAL B 392 2.91 33.52 21.98
C VAL B 392 1.40 33.46 22.13
N GLY B 393 0.96 32.47 22.89
CA GLY B 393 -0.46 32.27 23.14
C GLY B 393 -0.70 30.86 23.64
N GLU B 394 -1.98 30.58 23.88
CA GLU B 394 -2.36 29.24 24.28
C GLU B 394 -2.38 28.30 23.08
N SER B 395 -2.47 27.00 23.37
CA SER B 395 -2.51 26.01 22.30
C SER B 395 -3.75 26.20 21.43
N GLY B 396 -3.56 26.07 20.13
CA GLY B 396 -4.64 26.23 19.18
C GLY B 396 -4.96 27.67 18.80
N SER B 397 -4.19 28.64 19.28
CA SER B 397 -4.48 30.03 18.95
C SER B 397 -4.23 30.32 17.48
N GLY B 398 -3.20 29.71 16.89
CA GLY B 398 -2.94 29.88 15.48
C GLY B 398 -1.55 30.39 15.14
N LYS B 399 -0.58 30.16 16.03
CA LYS B 399 0.78 30.62 15.78
C LYS B 399 1.43 29.81 14.66
N THR B 400 1.30 28.48 14.71
CA THR B 400 1.82 27.65 13.64
C THR B 400 1.12 27.95 12.31
N THR B 401 -0.16 28.34 12.37
CA THR B 401 -0.85 28.77 11.16
C THR B 401 -0.20 30.03 10.57
N LEU B 402 0.19 30.97 11.43
CA LEU B 402 0.92 32.13 10.97
C LEU B 402 2.25 31.72 10.32
N ALA B 403 2.96 30.79 10.95
CA ALA B 403 4.24 30.34 10.40
C ALA B 403 4.06 29.68 9.04
N LYS B 404 2.99 28.89 8.89
CA LYS B 404 2.74 28.22 7.62
C LYS B 404 2.26 29.18 6.55
N LEU B 405 1.56 30.26 6.94
CA LEU B 405 1.22 31.30 5.98
C LEU B 405 2.47 32.04 5.51
N LEU B 406 3.42 32.28 6.43
CA LEU B 406 4.67 32.90 6.01
C LEU B 406 5.46 31.99 5.08
N MET B 407 5.51 30.69 5.39
CA MET B 407 6.13 29.72 4.50
C MET B 407 5.37 29.56 3.19
N ASN B 408 4.15 30.09 3.12
CA ASN B 408 3.29 30.09 1.95
C ASN B 408 2.89 28.65 1.63
N PHE B 409 2.57 27.88 2.66
CA PHE B 409 1.92 26.60 2.44
C PHE B 409 0.44 26.80 2.12
N TYR B 410 -0.18 27.79 2.74
CA TYR B 410 -1.58 28.11 2.53
C TYR B 410 -1.71 29.58 2.19
N SER B 411 -2.84 29.95 1.59
CA SER B 411 -3.05 31.34 1.21
C SER B 411 -4.14 31.99 2.04
N PRO B 412 -3.95 33.24 2.46
CA PRO B 412 -5.01 33.94 3.19
C PRO B 412 -6.24 34.12 2.32
N GLU B 413 -7.41 34.00 2.94
CA GLU B 413 -8.65 34.25 2.21
C GLU B 413 -8.89 35.74 2.02
N LYS B 414 -8.35 36.56 2.92
CA LYS B 414 -8.46 38.01 2.83
C LYS B 414 -7.15 38.63 3.29
N GLY B 415 -6.83 39.80 2.75
CA GLY B 415 -5.59 40.45 3.07
C GLY B 415 -4.40 39.81 2.39
N ASP B 416 -3.21 40.26 2.79
CA ASP B 416 -1.98 39.76 2.19
C ASP B 416 -0.83 39.86 3.17
N ILE B 417 0.26 39.17 2.84
CA ILE B 417 1.49 39.20 3.62
C ILE B 417 2.57 39.83 2.77
N LEU B 418 3.23 40.86 3.30
CA LEU B 418 4.19 41.65 2.56
C LEU B 418 5.59 41.43 3.12
N ILE B 419 6.57 41.41 2.21
CA ILE B 419 7.99 41.40 2.57
C ILE B 419 8.65 42.56 1.83
N ASN B 420 9.06 43.58 2.59
CA ASN B 420 9.72 44.77 2.03
C ASN B 420 8.83 45.45 0.98
N GLY B 421 7.53 45.47 1.24
CA GLY B 421 6.59 46.12 0.36
C GLY B 421 6.13 45.29 -0.83
N HIS B 422 6.61 44.06 -0.97
CA HIS B 422 6.21 43.17 -2.05
C HIS B 422 5.34 42.06 -1.50
N SER B 423 4.22 41.80 -2.16
CA SER B 423 3.31 40.76 -1.71
C SER B 423 3.99 39.39 -1.82
N ILE B 424 3.70 38.52 -0.85
CA ILE B 424 4.31 37.20 -0.83
C ILE B 424 3.81 36.32 -1.97
N LYS B 425 2.71 36.71 -2.61
CA LYS B 425 2.21 35.97 -3.76
C LYS B 425 2.84 36.42 -5.07
N ASN B 426 3.61 37.51 -5.06
CA ASN B 426 4.36 37.96 -6.22
C ASN B 426 5.84 37.61 -6.12
N ILE B 427 6.22 36.78 -5.16
CA ILE B 427 7.59 36.32 -4.99
C ILE B 427 7.65 34.85 -5.36
N SER B 428 8.67 34.47 -6.12
CA SER B 428 8.78 33.10 -6.60
C SER B 428 8.81 32.12 -5.44
N LEU B 429 8.11 31.00 -5.60
CA LEU B 429 7.98 30.04 -4.51
C LEU B 429 9.33 29.43 -4.14
N GLU B 430 10.21 29.25 -5.12
CA GLU B 430 11.53 28.70 -4.84
C GLU B 430 12.32 29.63 -3.93
N LEU B 431 12.29 30.93 -4.21
CA LEU B 431 12.98 31.90 -3.37
C LEU B 431 12.40 31.92 -1.96
N ILE B 432 11.07 31.87 -1.85
CA ILE B 432 10.42 31.88 -0.54
C ILE B 432 10.83 30.65 0.27
N ARG B 433 10.81 29.48 -0.36
CA ARG B 433 11.13 28.25 0.36
C ARG B 433 12.63 28.06 0.57
N LYS B 434 13.47 28.81 -0.13
CA LYS B 434 14.91 28.72 0.10
C LYS B 434 15.43 29.78 1.06
N LYS B 435 14.75 30.91 1.20
CA LYS B 435 15.22 31.99 2.06
C LYS B 435 14.49 32.05 3.40
N ILE B 436 13.56 31.13 3.66
CA ILE B 436 12.87 31.06 4.95
C ILE B 436 13.08 29.66 5.51
N ALA B 437 13.58 29.59 6.74
CA ALA B 437 13.84 28.33 7.42
C ALA B 437 12.80 28.14 8.51
N PHE B 438 12.18 26.96 8.54
CA PHE B 438 11.12 26.64 9.48
C PHE B 438 11.53 25.42 10.29
N VAL B 439 11.52 25.56 11.61
CA VAL B 439 11.76 24.45 12.52
C VAL B 439 10.45 24.14 13.22
N SER B 440 9.88 22.97 12.94
CA SER B 440 8.55 22.64 13.41
C SER B 440 8.60 21.99 14.79
N GLN B 441 7.40 21.81 15.37
CA GLN B 441 7.29 21.11 16.64
C GLN B 441 7.75 19.67 16.51
N ASP B 442 7.36 19.00 15.43
CA ASP B 442 7.75 17.62 15.17
C ASP B 442 8.81 17.58 14.08
N VAL B 443 9.88 16.82 14.33
CA VAL B 443 11.02 16.74 13.43
C VAL B 443 10.90 15.47 12.60
N PHE B 444 10.99 15.62 11.28
CA PHE B 444 10.92 14.48 10.36
C PHE B 444 12.34 14.08 9.97
N ILE B 445 12.68 12.83 10.25
CA ILE B 445 13.98 12.27 9.92
C ILE B 445 13.76 11.16 8.89
N PHE B 446 14.36 11.33 7.72
CA PHE B 446 14.19 10.35 6.66
C PHE B 446 15.31 9.31 6.70
N SER B 447 15.03 8.15 6.10
CA SER B 447 15.95 7.02 6.18
C SER B 447 17.26 7.33 5.47
N GLY B 448 18.32 7.53 6.24
CA GLY B 448 19.62 7.83 5.68
C GLY B 448 20.60 8.18 6.77
N THR B 449 21.79 8.58 6.36
CA THR B 449 22.82 8.96 7.30
C THR B 449 22.51 10.31 7.93
N VAL B 450 23.28 10.66 8.96
CA VAL B 450 23.14 11.98 9.58
C VAL B 450 23.51 13.06 8.58
N LYS B 451 24.54 12.80 7.77
CA LYS B 451 24.95 13.74 6.72
C LYS B 451 23.81 13.99 5.74
N GLU B 452 23.14 12.94 5.30
CA GLU B 452 22.06 13.09 4.33
C GLU B 452 20.89 13.85 4.92
N ASN B 453 20.57 13.59 6.20
CA ASN B 453 19.48 14.31 6.85
C ASN B 453 19.82 15.79 7.00
N LEU B 454 21.07 16.10 7.39
CA LEU B 454 21.46 17.49 7.57
C LEU B 454 21.44 18.25 6.26
N ALA B 455 21.89 17.62 5.18
CA ALA B 455 21.90 18.26 3.86
C ALA B 455 20.68 17.84 3.05
N LEU B 456 19.50 18.24 3.55
CA LEU B 456 18.25 17.96 2.87
C LEU B 456 17.93 19.07 1.88
N GLY B 457 17.75 18.71 0.62
CA GLY B 457 17.54 19.68 -0.43
C GLY B 457 18.74 20.54 -0.76
N ASN B 458 19.90 20.25 -0.17
CA ASN B 458 21.12 21.03 -0.37
C ASN B 458 22.30 20.08 -0.53
N GLU B 459 22.14 19.05 -1.34
CA GLU B 459 23.14 17.99 -1.41
C GLU B 459 24.32 18.38 -2.32
N ASN B 460 24.81 19.61 -2.15
CA ASN B 460 26.03 20.05 -2.81
C ASN B 460 26.88 20.93 -1.89
N VAL B 461 26.60 20.95 -0.59
CA VAL B 461 27.25 21.85 0.35
C VAL B 461 28.54 21.20 0.85
N ASP B 462 29.54 22.04 1.14
CA ASP B 462 30.80 21.55 1.65
C ASP B 462 30.62 20.91 3.02
N MET B 463 31.50 19.96 3.34
CA MET B 463 31.40 19.26 4.62
C MET B 463 31.71 20.20 5.78
N ASP B 464 32.65 21.13 5.58
CA ASP B 464 33.02 22.04 6.65
C ASP B 464 31.84 22.92 7.06
N GLU B 465 30.99 23.30 6.09
CA GLU B 465 29.80 24.06 6.44
C GLU B 465 28.83 23.24 7.28
N ILE B 466 28.72 21.94 6.99
CA ILE B 466 27.88 21.07 7.80
C ILE B 466 28.44 20.96 9.22
N ILE B 467 29.76 20.84 9.35
CA ILE B 467 30.38 20.83 10.68
C ILE B 467 30.08 22.13 11.41
N LYS B 468 30.18 23.26 10.71
CA LYS B 468 29.94 24.56 11.32
C LYS B 468 28.50 24.66 11.80
N ALA B 469 27.54 24.21 10.99
CA ALA B 469 26.14 24.25 11.38
C ALA B 469 25.86 23.34 12.57
N ALA B 470 26.43 22.13 12.56
CA ALA B 470 26.22 21.20 13.66
C ALA B 470 26.81 21.74 14.95
N LYS B 471 27.98 22.37 14.88
CA LYS B 471 28.57 22.98 16.06
C LYS B 471 27.74 24.15 16.55
N MET B 472 27.22 24.96 15.61
CA MET B 472 26.38 26.10 15.97
C MET B 472 25.09 25.68 16.65
N ALA B 473 24.49 24.58 16.23
CA ALA B 473 23.28 24.05 16.85
C ALA B 473 23.59 23.05 17.97
N ASN B 474 24.86 22.94 18.37
CA ASN B 474 25.28 22.02 19.43
C ASN B 474 24.94 20.58 19.11
N ALA B 475 25.00 20.21 17.84
CA ALA B 475 24.74 18.84 17.41
C ALA B 475 26.02 18.06 17.12
N HIS B 476 27.18 18.72 17.16
CA HIS B 476 28.42 18.05 16.79
C HIS B 476 28.86 17.06 17.85
N ASP B 477 28.60 17.37 19.12
CA ASP B 477 29.14 16.57 20.23
C ASP B 477 28.59 15.14 20.20
N PHE B 478 27.27 15.00 20.12
CA PHE B 478 26.70 13.66 20.13
C PHE B 478 26.81 12.96 18.78
N ILE B 479 26.98 13.71 17.68
CA ILE B 479 27.21 13.08 16.39
C ILE B 479 28.60 12.45 16.35
N GLU B 480 29.60 13.15 16.89
CA GLU B 480 30.95 12.59 16.95
C GLU B 480 31.04 11.40 17.89
N LYS B 481 30.07 11.23 18.79
CA LYS B 481 30.01 10.05 19.65
C LYS B 481 29.30 8.88 18.99
N LEU B 482 28.70 9.08 17.82
CA LEU B 482 28.05 8.00 17.10
C LEU B 482 29.10 7.07 16.52
N PRO B 483 28.72 5.80 16.25
CA PRO B 483 29.71 4.85 15.71
C PRO B 483 30.29 5.27 14.38
N LEU B 484 29.54 5.96 13.53
CA LEU B 484 30.00 6.29 12.18
C LEU B 484 30.40 7.75 11.99
N LYS B 485 30.09 8.65 12.94
CA LYS B 485 30.58 10.02 12.94
C LYS B 485 30.19 10.76 11.65
N TYR B 486 28.88 11.04 11.57
CA TYR B 486 28.18 11.73 10.47
C TYR B 486 27.84 10.78 9.32
N ASP B 487 28.05 9.48 9.48
CA ASP B 487 27.61 8.49 8.50
C ASP B 487 26.70 7.45 9.11
N THR B 488 26.23 7.67 10.34
CA THR B 488 25.37 6.71 11.02
C THR B 488 24.01 6.67 10.34
N PHE B 489 23.64 5.50 9.83
CA PHE B 489 22.37 5.34 9.13
C PHE B 489 21.23 5.51 10.12
N LEU B 490 20.51 6.63 10.03
CA LEU B 490 19.36 6.88 10.89
C LEU B 490 18.16 6.10 10.39
N ASN B 491 17.50 5.39 11.30
CA ASN B 491 16.35 4.57 10.93
C ASN B 491 15.14 5.46 10.66
N GLU B 492 14.00 4.82 10.41
CA GLU B 492 12.77 5.56 10.13
C GLU B 492 12.37 6.40 11.32
N SER B 493 12.07 7.67 11.07
CA SER B 493 11.63 8.63 12.09
C SER B 493 12.67 8.83 13.19
N GLY B 494 13.92 8.44 12.95
CA GLY B 494 14.99 8.67 13.92
C GLY B 494 14.73 8.06 15.28
N ALA B 495 14.33 6.80 15.31
CA ALA B 495 13.98 6.16 16.58
C ALA B 495 15.20 6.07 17.50
N ASN B 496 16.36 5.73 16.95
CA ASN B 496 17.57 5.65 17.76
C ASN B 496 18.03 6.99 18.28
N LEU B 497 17.54 8.09 17.71
CA LEU B 497 17.88 9.42 18.20
C LEU B 497 16.90 9.84 19.29
N SER B 498 17.40 10.57 20.28
CA SER B 498 16.55 11.04 21.36
C SER B 498 15.62 12.15 20.87
N GLU B 499 14.66 12.51 21.72
CA GLU B 499 13.72 13.55 21.36
C GLU B 499 14.39 14.91 21.25
N GLY B 500 15.32 15.21 22.17
CA GLY B 500 16.06 16.45 22.10
C GLY B 500 17.21 16.44 21.12
N GLN B 501 17.63 15.24 20.68
CA GLN B 501 18.69 15.15 19.67
C GLN B 501 18.14 15.44 18.28
N LYS B 502 16.89 15.05 18.02
CA LYS B 502 16.28 15.32 16.72
C LYS B 502 16.01 16.80 16.54
N GLN B 503 15.67 17.51 17.62
CA GLN B 503 15.45 18.95 17.54
C GLN B 503 16.73 19.68 17.17
N ARG B 504 17.87 19.22 17.71
CA ARG B 504 19.14 19.84 17.36
C ARG B 504 19.50 19.59 15.90
N LEU B 505 19.16 18.41 15.37
CA LEU B 505 19.35 18.16 13.95
C LEU B 505 18.49 19.09 13.11
N ALA B 506 17.25 19.32 13.53
CA ALA B 506 16.38 20.23 12.78
C ALA B 506 16.91 21.66 12.82
N ILE B 507 17.39 22.10 13.98
CA ILE B 507 17.93 23.46 14.10
C ILE B 507 19.20 23.60 13.25
N ALA B 508 20.06 22.58 13.25
CA ALA B 508 21.26 22.63 12.42
C ALA B 508 20.90 22.62 10.94
N ARG B 509 19.88 21.86 10.56
CA ARG B 509 19.43 21.83 9.17
C ARG B 509 18.89 23.19 8.75
N ALA B 510 18.18 23.87 9.65
CA ALA B 510 17.66 25.20 9.33
C ALA B 510 18.79 26.23 9.24
N LEU B 511 19.76 26.15 10.15
CA LEU B 511 20.87 27.10 10.12
C LEU B 511 21.78 26.88 8.93
N LEU B 512 21.93 25.63 8.48
CA LEU B 512 22.72 25.34 7.29
C LEU B 512 22.13 25.98 6.04
N LYS B 513 20.84 26.27 6.05
CA LYS B 513 20.18 26.91 4.91
C LYS B 513 20.69 28.33 4.67
N LYS B 514 21.26 28.97 5.69
CA LYS B 514 21.65 30.37 5.64
C LYS B 514 20.46 31.24 5.18
N PRO B 515 19.40 31.29 5.95
CA PRO B 515 18.16 31.92 5.49
C PRO B 515 18.16 33.43 5.76
N ASP B 516 17.14 34.09 5.21
CA ASP B 516 16.87 35.49 5.51
C ASP B 516 15.79 35.66 6.56
N ILE B 517 14.91 34.68 6.72
CA ILE B 517 13.89 34.67 7.77
C ILE B 517 13.97 33.31 8.46
N LEU B 518 14.14 33.30 9.77
CA LEU B 518 14.23 32.08 10.56
C LEU B 518 13.04 31.98 11.49
N ILE B 519 12.32 30.88 11.42
CA ILE B 519 11.14 30.64 12.25
C ILE B 519 11.43 29.44 13.12
N LEU B 520 11.46 29.65 14.43
CA LEU B 520 11.64 28.58 15.41
C LEU B 520 10.29 28.35 16.09
N ASP B 521 9.60 27.30 15.66
CA ASP B 521 8.24 27.00 16.14
C ASP B 521 8.36 25.97 17.26
N GLU B 522 8.57 26.46 18.48
CA GLU B 522 8.76 25.61 19.66
C GLU B 522 9.87 24.60 19.44
N ALA B 523 11.04 25.10 19.05
CA ALA B 523 12.19 24.27 18.73
C ALA B 523 13.06 23.96 19.94
N THR B 524 12.79 24.57 21.09
CA THR B 524 13.61 24.37 22.29
C THR B 524 12.82 23.70 23.41
N SER B 525 11.78 22.93 23.07
CA SER B 525 10.93 22.33 24.10
C SER B 525 11.67 21.23 24.87
N ASN B 526 12.42 20.40 24.16
CA ASN B 526 13.09 19.25 24.77
C ASN B 526 14.57 19.49 25.05
N LEU B 527 15.07 20.69 24.79
CA LEU B 527 16.48 20.99 25.00
C LEU B 527 16.75 21.42 26.44
N ASP B 528 17.93 21.09 26.92
CA ASP B 528 18.33 21.47 28.27
C ASP B 528 18.78 22.92 28.31
N SER B 529 19.09 23.41 29.52
CA SER B 529 19.52 24.79 29.68
C SER B 529 20.86 25.05 29.00
N ILE B 530 21.79 24.09 29.10
CA ILE B 530 23.11 24.28 28.49
C ILE B 530 22.99 24.36 26.98
N THR B 531 22.22 23.47 26.37
CA THR B 531 22.04 23.48 24.92
C THR B 531 21.26 24.72 24.48
N GLU B 532 20.20 25.07 25.21
CA GLU B 532 19.38 26.20 24.82
C GLU B 532 20.16 27.51 24.86
N ASN B 533 21.05 27.64 25.84
CA ASN B 533 21.91 28.83 25.88
C ASN B 533 22.84 28.87 24.69
N HIS B 534 23.38 27.72 24.28
CA HIS B 534 24.27 27.67 23.13
C HIS B 534 23.54 28.11 21.87
N ILE B 535 22.32 27.60 21.66
CA ILE B 535 21.54 27.97 20.48
C ILE B 535 21.09 29.43 20.57
N LYS B 536 20.79 29.90 21.77
CA LYS B 536 20.37 31.28 21.94
C LYS B 536 21.47 32.25 21.52
N ASP B 537 22.70 31.99 21.95
CA ASP B 537 23.83 32.81 21.51
C ASP B 537 24.06 32.65 20.02
N ALA B 538 23.82 31.46 19.49
CA ALA B 538 24.03 31.21 18.06
C ALA B 538 23.09 32.05 17.21
N ILE B 539 21.80 32.05 17.54
CA ILE B 539 20.84 32.85 16.78
C ILE B 539 20.92 34.33 17.15
N TYR B 540 21.53 34.66 18.29
CA TYR B 540 21.80 36.06 18.60
C TYR B 540 23.02 36.59 17.85
N GLY B 541 23.98 35.73 17.53
CA GLY B 541 25.21 36.13 16.86
C GLY B 541 25.13 36.24 15.35
N LEU B 542 23.95 36.02 14.76
CA LEU B 542 23.82 36.17 13.32
C LEU B 542 23.91 37.63 12.91
N GLU B 543 24.00 37.86 11.60
CA GLU B 543 24.12 39.21 11.09
C GLU B 543 22.84 40.00 11.39
N ASP B 544 22.98 41.33 11.43
CA ASP B 544 21.83 42.17 11.70
C ASP B 544 21.02 42.40 10.44
N ASP B 545 20.72 41.31 9.72
CA ASP B 545 19.82 41.35 8.59
C ASP B 545 18.86 40.17 8.54
N VAL B 546 19.08 39.11 9.32
CA VAL B 546 18.20 37.96 9.35
C VAL B 546 17.12 38.20 10.39
N THR B 547 15.89 37.81 10.08
CA THR B 547 14.77 37.98 10.98
C THR B 547 14.46 36.66 11.66
N VAL B 548 14.48 36.66 12.99
CA VAL B 548 14.22 35.47 13.79
C VAL B 548 12.85 35.61 14.41
N ILE B 549 11.95 34.69 14.04
CA ILE B 549 10.59 34.65 14.58
C ILE B 549 10.50 33.44 15.48
N ILE B 550 10.20 33.67 16.76
CA ILE B 550 10.16 32.61 17.77
C ILE B 550 8.72 32.38 18.16
N ILE B 551 8.26 31.15 18.00
CA ILE B 551 6.94 30.72 18.45
C ILE B 551 7.17 29.84 19.68
N ALA B 552 6.77 30.34 20.84
CA ALA B 552 7.06 29.68 22.10
C ALA B 552 5.80 29.60 22.96
N HIS B 553 5.72 28.54 23.76
CA HIS B 553 4.67 28.38 24.74
C HIS B 553 5.11 28.77 26.15
N ARG B 554 6.41 28.73 26.42
CA ARG B 554 6.97 29.16 27.70
C ARG B 554 7.43 30.60 27.57
N LEU B 555 6.99 31.45 28.50
CA LEU B 555 7.32 32.86 28.46
C LEU B 555 8.70 33.18 29.04
N SER B 556 9.37 32.19 29.64
CA SER B 556 10.69 32.42 30.21
C SER B 556 11.80 32.44 29.16
N THR B 557 11.49 32.09 27.92
CA THR B 557 12.48 32.04 26.85
C THR B 557 12.33 33.20 25.85
N ILE B 558 11.51 34.19 26.16
CA ILE B 558 11.25 35.30 25.25
C ILE B 558 11.52 36.65 25.88
N VAL B 559 12.14 36.70 27.06
CA VAL B 559 12.27 37.96 27.78
C VAL B 559 13.14 38.96 27.04
N ASN B 560 14.18 38.48 26.36
CA ASN B 560 15.20 39.34 25.77
C ASN B 560 15.00 39.56 24.27
N LEU B 561 13.76 39.65 23.80
CA LEU B 561 13.49 39.88 22.38
C LEU B 561 12.80 41.22 22.20
N ASP B 562 12.94 41.77 20.98
CA ASP B 562 12.58 43.16 20.73
C ASP B 562 11.08 43.39 20.87
N LYS B 563 10.27 42.49 20.31
CA LYS B 563 8.82 42.65 20.34
C LYS B 563 8.16 41.30 20.54
N ILE B 564 7.09 41.29 21.32
CA ILE B 564 6.32 40.07 21.59
C ILE B 564 4.87 40.33 21.22
N TYR B 565 4.30 39.44 20.41
CA TYR B 565 2.89 39.50 20.04
C TYR B 565 2.17 38.35 20.72
N LEU B 566 1.11 38.66 21.46
CA LEU B 566 0.33 37.65 22.17
C LEU B 566 -0.92 37.34 21.36
N LEU B 567 -1.06 36.09 20.95
CA LEU B 567 -2.15 35.65 20.09
C LEU B 567 -3.20 34.95 20.94
N LYS B 568 -4.43 35.44 20.88
CA LYS B 568 -5.54 34.90 21.66
C LYS B 568 -6.70 34.61 20.69
N ASP B 569 -6.76 33.36 20.22
CA ASP B 569 -7.81 32.91 19.31
C ASP B 569 -7.83 33.74 18.02
N GLY B 570 -6.70 33.72 17.32
CA GLY B 570 -6.59 34.40 16.04
C GLY B 570 -6.73 35.91 16.11
N GLU B 571 -6.12 36.53 17.11
CA GLU B 571 -6.18 37.98 17.26
C GLU B 571 -4.96 38.46 18.02
N ILE B 572 -4.34 39.54 17.53
CA ILE B 572 -3.21 40.17 18.22
C ILE B 572 -3.83 41.13 19.23
N VAL B 573 -4.15 40.61 20.42
CA VAL B 573 -4.85 41.42 21.42
C VAL B 573 -3.91 42.46 22.02
N GLU B 574 -2.60 42.16 22.09
CA GLU B 574 -1.63 43.11 22.59
C GLU B 574 -0.25 42.76 22.06
N SER B 575 0.64 43.74 22.09
CA SER B 575 1.99 43.56 21.59
C SER B 575 2.92 44.54 22.28
N GLY B 576 4.21 44.26 22.18
CA GLY B 576 5.23 45.11 22.77
C GLY B 576 6.37 44.31 23.36
N SER B 577 7.37 44.98 23.90
CA SER B 577 8.48 44.29 24.54
C SER B 577 8.02 43.69 25.86
N HIS B 578 8.91 42.91 26.48
CA HIS B 578 8.56 42.22 27.72
C HIS B 578 8.21 43.21 28.82
N THR B 579 9.00 44.29 28.95
CA THR B 579 8.76 45.26 30.00
C THR B 579 7.41 45.95 29.82
N GLU B 580 7.09 46.37 28.60
CA GLU B 580 5.82 47.05 28.35
C GLU B 580 4.64 46.12 28.60
N LEU B 581 4.75 44.86 28.16
CA LEU B 581 3.67 43.91 28.37
C LEU B 581 3.48 43.62 29.86
N ILE B 582 4.57 43.48 30.60
CA ILE B 582 4.47 43.27 32.05
C ILE B 582 3.83 44.47 32.71
N ALA B 583 4.23 45.68 32.31
CA ALA B 583 3.66 46.90 32.87
C ALA B 583 2.36 47.29 32.17
N LEU B 584 1.43 46.34 32.08
CA LEU B 584 0.09 46.60 31.56
C LEU B 584 -1.00 45.89 32.33
N LYS B 585 -0.69 44.89 33.15
CA LYS B 585 -1.67 44.15 33.94
C LYS B 585 -2.76 43.56 33.04
N GLY B 586 -2.35 43.08 31.87
CA GLY B 586 -3.28 42.53 30.91
C GLY B 586 -3.22 41.02 30.82
N ALA B 587 -3.56 40.47 29.65
CA ALA B 587 -3.53 39.03 29.46
C ALA B 587 -2.12 38.48 29.57
N TYR B 588 -1.14 39.20 29.04
CA TYR B 588 0.24 38.75 29.12
C TYR B 588 0.73 38.70 30.56
N PHE B 589 0.36 39.71 31.36
CA PHE B 589 0.76 39.70 32.76
C PHE B 589 0.14 38.51 33.50
N LYS B 590 -1.12 38.21 33.20
CA LYS B 590 -1.76 37.04 33.81
C LYS B 590 -1.07 35.75 33.39
N MET B 591 -0.70 35.65 32.11
CA MET B 591 0.02 34.47 31.63
C MET B 591 1.37 34.34 32.33
N TRP B 592 2.09 35.45 32.49
CA TRP B 592 3.39 35.40 33.16
C TRP B 592 3.25 35.02 34.62
N LYS B 593 2.22 35.53 35.29
CA LYS B 593 2.02 35.21 36.70
C LYS B 593 1.65 33.74 36.88
N GLN B 594 0.69 33.25 36.09
CA GLN B 594 0.32 31.84 36.18
C GLN B 594 1.44 30.94 35.68
N THR B 595 2.00 31.18 34.51
CA THR B 595 3.01 30.25 34.02
C THR B 595 4.36 30.49 34.68
N GLU B 596 4.77 31.75 34.82
CA GLU B 596 6.08 32.08 35.37
C GLU B 596 7.21 31.60 34.46
PB ADP C . 12.61 10.24 27.08
O1B ADP C . 13.28 9.80 28.35
O2B ADP C . 12.91 11.66 26.68
O3B ADP C . 11.16 9.86 26.98
PA ADP C . 13.21 7.75 25.87
O1A ADP C . 13.16 7.22 27.28
O2A ADP C . 12.12 7.37 24.91
O3A ADP C . 13.33 9.36 25.94
O5' ADP C . 14.62 7.33 25.25
C5' ADP C . 15.44 6.35 25.89
C4' ADP C . 16.54 5.94 24.92
O4' ADP C . 16.11 4.81 24.18
C3' ADP C . 16.83 7.06 23.92
O3' ADP C . 18.19 7.46 24.05
C2' ADP C . 16.57 6.47 22.56
O2' ADP C . 17.73 6.64 21.74
C1' ADP C . 16.31 4.98 22.78
N9 ADP C . 15.10 4.56 22.05
C8 ADP C . 13.85 4.98 22.31
N7 ADP C . 12.95 4.40 21.46
C5 ADP C . 13.65 3.59 20.64
C6 ADP C . 13.32 2.67 19.52
N6 ADP C . 12.05 2.52 19.09
N1 ADP C . 14.34 2.01 18.94
C2 ADP C . 15.62 2.16 19.35
N3 ADP C . 15.97 2.97 20.36
C4 ADP C . 15.06 3.70 21.04
MG MG D . 9.45 10.52 26.31
C10 A1ACX E . 7.87 -38.93 -31.30
C01 A1ACX E . 11.55 -31.29 -29.34
C02 A1ACX E . 10.08 -31.01 -29.09
C03 A1ACX E . 9.18 -31.72 -30.10
C04 A1ACX E . 7.82 -32.11 -29.51
C05 A1ACX E . 7.17 -33.24 -30.29
C06 A1ACX E . 6.87 -34.45 -29.38
C07 A1ACX E . 6.52 -35.69 -30.20
C08 A1ACX E . 7.49 -36.85 -29.91
C09 A1ACX E . 6.93 -38.19 -30.36
C11 A1ACX E . 7.40 -40.35 -31.55
C12 A1ACX E . 7.17 -40.66 -33.03
C13 A1ACX E . 6.37 -41.95 -33.21
C14 A1ACX E . 5.80 -42.10 -34.62
C15 A1ACX E . 4.89 -43.32 -34.73
C16 A1ACX E . 4.68 -43.77 -36.18
C19 A1ACX E . 3.17 -45.46 -35.60
C20 A1ACX E . 3.17 -46.97 -35.50
C21 A1ACX E . 1.79 -47.57 -35.75
C27 A1ACX E . 1.18 -51.48 -38.62
C28 A1ACX E . 2.25 -50.76 -39.45
C30 A1ACX E . 4.33 -50.93 -40.57
C31 A1ACX E . 3.02 -52.88 -40.21
C32 A1ACX E . 4.09 -51.82 -38.38
N29 A1ACX E . 3.42 -51.60 -39.65
O17 A1ACX E . 4.89 -43.03 -37.08
O18 A1ACX E . 4.22 -45.06 -36.43
O22 A1ACX E . 1.92 -48.59 -36.70
O24 A1ACX E . -0.02 -49.75 -35.48
O25 A1ACX E . 2.04 -51.04 -35.90
O26 A1ACX E . 0.47 -50.53 -37.89
P23 A1ACX E . 1.10 -50.00 -36.46
PB ADP F . -0.79 26.31 17.69
O1B ADP F . -1.36 24.96 18.08
O2B ADP F . 0.62 26.23 17.13
O3B ADP F . -0.98 27.39 18.72
PA ADP F . -2.33 25.89 15.31
O1A ADP F . -1.88 26.40 13.97
O2A ADP F . -2.18 24.43 15.63
O3A ADP F . -1.68 26.83 16.45
O5' ADP F . -3.89 26.26 15.45
C5' ADP F . -4.66 26.47 14.27
C4' ADP F . -6.08 25.99 14.47
O4' ADP F . -6.55 25.47 13.23
C3' ADP F . -6.18 24.89 15.50
O3' ADP F . -7.11 25.25 16.52
C2' ADP F . -6.68 23.66 14.76
O2' ADP F . -7.92 23.23 15.34
C1' ADP F . -6.90 24.09 13.33
N9 ADP F . -6.01 23.30 12.45
C8 ADP F . -4.68 23.18 12.61
N7 ADP F . -4.14 22.39 11.64
C5 ADP F . -5.15 21.99 10.84
C6 ADP F . -5.28 21.15 9.64
N6 ADP F . -4.20 20.55 9.08
N1 ADP F . -6.51 20.98 9.11
C2 ADP F . -7.59 21.57 9.66
N3 ADP F . -7.55 22.35 10.74
C4 ADP F . -6.38 22.59 11.39
MG MG G . 2.04 24.86 16.97
N POV H . -24.00 -20.19 -53.02
P POV H . -26.39 -22.00 -49.09
C1 POV H . -25.81 -22.77 -46.63
C2 POV H . -26.30 -22.61 -45.17
C3 POV H . -25.55 -21.52 -44.40
C210 POV H . -28.53 -21.34 -33.61
C310 POV H . -24.67 -18.63 -33.95
C11 POV H . -25.47 -20.49 -51.06
O11 POV H . -26.54 -21.88 -47.45
C211 POV H . -29.20 -20.25 -32.73
C311 POV H . -24.24 -18.47 -32.50
C12 POV H . -24.02 -20.41 -51.60
O12 POV H . -25.42 -20.79 -49.67
C212 POV H . -28.57 -20.14 -31.32
C312 POV H . -25.41 -18.19 -31.55
C13 POV H . -24.53 -21.34 -53.72
O13 POV H . -25.77 -23.34 -49.45
C213 POV H . -29.64 -20.18 -30.20
C313 POV H . -24.97 -17.52 -30.26
C14 POV H . -22.64 -19.97 -53.44
O14 POV H . -27.76 -21.89 -49.73
C214 POV H . -29.03 -20.17 -28.78
C314 POV H . -26.10 -16.71 -29.59
C15 POV H . -24.78 -19.03 -53.36
C215 POV H . -30.09 -20.46 -27.70
C315 POV H . -25.56 -15.76 -28.50
C216 POV H . -29.49 -20.63 -26.29
C316 POV H . -26.66 -15.06 -27.71
C217 POV H . -28.34 -19.65 -26.03
C218 POV H . -28.39 -19.06 -24.62
C21 POV H . -27.28 -24.52 -44.13
O21 POV H . -26.09 -23.84 -44.51
C22 POV H . -27.52 -24.90 -42.66
O22 POV H . -28.10 -24.77 -44.96
C23 POV H . -26.67 -24.04 -41.73
C24 POV H . -26.89 -24.37 -40.25
C25 POV H . -27.00 -23.10 -39.39
C26 POV H . -28.10 -23.22 -38.29
C27 POV H . -28.08 -22.02 -37.32
C28 POV H . -28.17 -22.45 -35.84
C29 POV H . -28.81 -21.38 -34.93
C31 POV H . -26.04 -19.40 -43.44
O31 POV H . -26.49 -20.73 -43.69
C32 POV H . -25.88 -18.89 -42.01
O32 POV H . -25.79 -18.69 -44.36
C33 POV H . -27.04 -19.32 -41.08
C34 POV H . -26.61 -19.39 -39.60
C35 POV H . -26.51 -18.01 -38.94
C36 POV H . -25.16 -17.77 -38.28
C37 POV H . -25.24 -17.78 -36.75
C38 POV H . -23.89 -17.45 -36.08
C39 POV H . -23.52 -18.41 -34.94
#